data_9KEF
#
_entry.id   9KEF
#
_cell.length_a   84.184
_cell.length_b   154.417
_cell.length_c   191.248
_cell.angle_alpha   90.00
_cell.angle_beta   90.00
_cell.angle_gamma   90.00
#
_symmetry.space_group_name_H-M   'C 2 2 21'
#
loop_
_entity.id
_entity.type
_entity.pdbx_description
1 polymer RABV-G
2 polymer 'SOJB-Fab Hchain'
3 polymer 'SOJB-Fab Lchian'
4 non-polymer 2-acetamido-2-deoxy-beta-D-glucopyranose
#
loop_
_entity_poly.entity_id
_entity_poly.type
_entity_poly.pdbx_seq_one_letter_code
_entity_poly.pdbx_strand_id
1 'polypeptide(L)'
;KFPIYTIPDELGPWSPIDIHHLSCPNNLVVEDEGCTNLSEFSYMELKVGYISAIKVNGFTCTGVVTEAETYTGGSGGTTF
KRKHFRPTPDACRAAYNWKMAGDPRYEESLHNPYGGSGGRTTKESLIIISPSVTDLDPYDKSLHSRVFPGGKCSGITVSS
TYCSTNHDYTIWMPENPRPRTPCDIFTNSRGKRASNGNKTCGFVDERGLYKSLKGACRLKLCGVLGLRLMDGTWVAMQTS
DETKWCPPDQLVNLHDFRSDEIEHLVVEELVKKREECLDALESIMTTKSVSFRRLSHLRKLVPGFGKAYTIFNKTLMEAD
AHYKSVRTWNEIIPSKGCLKVGGRCHPHVNGVFFNGIILGPDDHVLIPEMQSSLLQQHMELLKSSVIPLMHPLADPSTVF
KEGDEAEDFVEVHLPDVYKQISGVDLGLPNWGKHHHHHH
;
A
2 'polypeptide(L)'
;QITLKETGPTLVKPTQTLTLTCTFSGFSLSTSGVGVGWIRQPPGKALEWVTLIYWDDDKRYSPSLENRVTIRKDTSKNQV
ALTMTNMDPLDTGTYYCAHRQHISSFPWFDSWGQGTLVTVSSASTKGPSVFPLAPSSKSTSGGTAALGCLVKDYFPEPVT
VSWNSGALTSGVHTFPAVLQSSGLYSLSSVVTVPSSSLGTQTYICNVNHKPSNTKVDKKVEPKSCDKTHTGGSHHHHHH
;
H
3 'polypeptide(L)'
;SYVLTQPPSVSVAPGKTARINCGGNNIEYRSVHWYQQKSGQAPVAVIYDNSDRPSGIPERFSGSKSGNTATLTISRVEAG
DEADYYCQVWDISSDVVFGGGTKLTVLGQPKAAPSVFIFPPSDEQLKSGTASVVCLLNNFYPREAKVQWKVDNALQSGNS
QESVTEQDSKDSTYSLSSTLTLSKADYEKHKVYACEVTHQGLSSPVTKSFNRGEC
;
L
#
# COMPACT_ATOMS: atom_id res chain seq x y z
N PHE A 2 32.10 -10.88 -24.21
CA PHE A 2 31.85 -12.02 -23.32
C PHE A 2 32.88 -12.10 -22.19
N PRO A 3 32.44 -12.28 -20.94
CA PRO A 3 33.40 -12.47 -19.85
C PRO A 3 33.82 -13.92 -19.84
N ILE A 4 34.93 -14.19 -19.15
CA ILE A 4 35.48 -15.55 -19.19
C ILE A 4 34.54 -16.50 -18.45
N TYR A 5 33.81 -16.00 -17.46
CA TYR A 5 32.84 -16.78 -16.71
C TYR A 5 31.88 -15.77 -16.08
N THR A 6 30.71 -16.25 -15.70
CA THR A 6 29.77 -15.47 -14.90
C THR A 6 29.43 -16.27 -13.65
N ILE A 7 29.58 -15.64 -12.50
CA ILE A 7 29.30 -16.31 -11.24
C ILE A 7 28.16 -15.56 -10.55
N PRO A 8 27.28 -16.20 -9.79
CA PRO A 8 26.32 -15.44 -9.01
C PRO A 8 26.98 -14.53 -8.00
N ASP A 9 26.30 -13.42 -7.73
CA ASP A 9 26.63 -12.58 -6.59
C ASP A 9 25.66 -12.82 -5.44
N GLU A 10 24.46 -13.32 -5.75
CA GLU A 10 23.41 -13.54 -4.77
C GLU A 10 22.53 -14.65 -5.33
N LEU A 11 22.23 -15.66 -4.52
CA LEU A 11 21.56 -16.85 -5.02
C LEU A 11 20.36 -17.15 -4.14
N GLY A 12 19.18 -17.23 -4.75
CA GLY A 12 17.97 -17.42 -4.00
C GLY A 12 17.87 -18.82 -3.45
N PRO A 13 16.82 -19.09 -2.69
CA PRO A 13 16.57 -20.44 -2.23
C PRO A 13 16.48 -21.41 -3.41
N TRP A 14 16.72 -22.70 -3.15
CA TRP A 14 16.57 -23.69 -4.21
C TRP A 14 15.13 -24.19 -4.25
N SER A 15 14.66 -24.51 -5.45
CA SER A 15 13.31 -25.02 -5.66
C SER A 15 13.43 -26.32 -6.44
N PRO A 16 12.68 -27.36 -6.10
CA PRO A 16 12.70 -28.57 -6.91
C PRO A 16 11.97 -28.35 -8.23
N ILE A 17 12.62 -28.78 -9.31
CA ILE A 17 12.01 -28.75 -10.63
C ILE A 17 12.53 -29.99 -11.33
N ASP A 18 11.90 -30.31 -12.46
CA ASP A 18 12.43 -31.32 -13.33
C ASP A 18 12.98 -30.83 -14.65
N ILE A 19 13.23 -31.77 -15.56
CA ILE A 19 14.01 -31.39 -16.72
C ILE A 19 13.20 -30.49 -17.62
N HIS A 20 11.87 -30.50 -17.49
CA HIS A 20 11.09 -29.66 -18.37
C HIS A 20 11.21 -28.19 -17.99
N HIS A 21 11.19 -27.88 -16.70
CA HIS A 21 11.37 -26.51 -16.25
C HIS A 21 12.60 -25.86 -16.87
N LEU A 22 13.63 -26.62 -17.26
CA LEU A 22 14.82 -26.01 -17.84
C LEU A 22 14.61 -25.20 -19.11
N SER A 23 15.53 -24.26 -19.37
CA SER A 23 15.42 -23.41 -20.53
C SER A 23 16.68 -22.56 -20.69
N CYS A 24 17.12 -22.38 -21.95
CA CYS A 24 18.38 -21.70 -22.19
C CYS A 24 18.35 -20.31 -21.57
N PRO A 25 19.49 -19.69 -21.36
CA PRO A 25 19.48 -18.40 -20.70
C PRO A 25 19.32 -17.28 -21.71
N ASN A 26 18.71 -16.19 -21.23
CA ASN A 26 18.76 -14.91 -21.93
C ASN A 26 20.14 -14.31 -21.69
N ASN A 27 20.89 -14.09 -22.77
CA ASN A 27 22.24 -13.53 -22.69
C ASN A 27 22.31 -12.14 -23.26
N LEU A 28 21.18 -11.48 -23.37
CA LEU A 28 21.14 -10.22 -24.10
C LEU A 28 21.83 -9.16 -23.27
N VAL A 29 22.55 -8.27 -23.94
CA VAL A 29 23.13 -7.10 -23.27
C VAL A 29 22.88 -5.86 -24.12
N VAL A 30 22.49 -4.77 -23.45
CA VAL A 30 22.19 -3.48 -24.06
C VAL A 30 23.09 -2.44 -23.42
N GLU A 31 23.87 -1.74 -24.24
CA GLU A 31 24.55 -0.54 -23.77
C GLU A 31 23.56 0.60 -23.84
N ASP A 32 23.85 1.67 -23.14
CA ASP A 32 23.09 2.88 -23.35
C ASP A 32 24.09 3.97 -23.66
N GLU A 33 23.95 4.59 -24.81
CA GLU A 33 24.99 5.49 -25.29
C GLU A 33 24.64 6.92 -24.90
N GLY A 34 25.66 7.62 -24.39
CA GLY A 34 25.48 8.98 -23.92
C GLY A 34 24.62 9.10 -22.68
N CYS A 35 24.33 7.99 -22.02
CA CYS A 35 23.54 8.02 -20.79
C CYS A 35 24.39 8.25 -19.56
N THR A 36 25.03 9.42 -19.51
CA THR A 36 26.03 9.68 -18.49
C THR A 36 25.76 10.70 -17.39
N ASN A 37 24.64 11.40 -17.40
CA ASN A 37 24.27 12.16 -16.21
C ASN A 37 23.85 11.04 -15.27
N LEU A 38 24.58 10.88 -14.18
CA LEU A 38 24.26 9.85 -13.20
C LEU A 38 23.82 10.63 -11.95
N SER A 39 22.71 10.21 -11.34
CA SER A 39 22.24 10.85 -10.12
C SER A 39 21.99 9.77 -9.07
N GLU A 40 22.45 10.02 -7.85
CA GLU A 40 22.25 9.07 -6.78
C GLU A 40 20.74 8.90 -6.52
N PHE A 41 20.28 7.67 -6.28
CA PHE A 41 18.85 7.50 -6.01
C PHE A 41 18.54 6.15 -5.35
N SER A 42 17.40 6.09 -4.66
CA SER A 42 16.94 4.87 -4.00
C SER A 42 15.67 4.36 -4.66
N TYR A 43 15.43 3.05 -4.53
CA TYR A 43 14.36 2.36 -5.27
C TYR A 43 14.15 0.98 -4.68
N MET A 44 13.19 0.25 -5.23
CA MET A 44 12.87 -1.08 -4.74
C MET A 44 13.28 -2.12 -5.77
N GLU A 45 13.07 -3.39 -5.40
CA GLU A 45 13.59 -4.49 -6.20
C GLU A 45 13.03 -5.79 -5.64
N LEU A 46 12.82 -6.74 -6.52
CA LEU A 46 12.32 -8.02 -6.09
C LEU A 46 13.41 -8.78 -5.34
N LYS A 47 13.05 -9.22 -4.14
CA LYS A 47 13.94 -10.06 -3.35
C LYS A 47 14.28 -11.34 -4.12
N VAL A 48 15.57 -11.63 -4.23
CA VAL A 48 16.05 -12.85 -4.88
C VAL A 48 15.23 -14.02 -4.36
N GLY A 49 14.64 -14.75 -5.29
CA GLY A 49 13.84 -15.90 -4.95
C GLY A 49 12.39 -15.68 -5.22
N TYR A 50 12.03 -14.48 -5.61
CA TYR A 50 10.73 -14.16 -6.13
C TYR A 50 10.82 -13.54 -7.51
N ILE A 51 12.04 -13.34 -8.01
CA ILE A 51 12.25 -12.60 -9.26
C ILE A 51 11.76 -13.41 -10.44
N SER A 52 12.27 -14.62 -10.61
CA SER A 52 11.82 -15.47 -11.71
C SER A 52 10.33 -15.78 -11.60
N ALA A 53 9.82 -15.96 -10.39
CA ALA A 53 8.42 -16.30 -10.21
C ALA A 53 8.10 -16.26 -8.72
N ILE A 54 6.82 -16.44 -8.41
CA ILE A 54 6.33 -16.53 -7.02
C ILE A 54 5.86 -17.95 -6.80
N LYS A 55 6.75 -18.78 -6.29
CA LYS A 55 6.42 -20.18 -6.09
C LYS A 55 5.40 -20.31 -4.97
N VAL A 56 4.65 -21.39 -4.98
CA VAL A 56 3.74 -21.64 -3.87
C VAL A 56 3.53 -23.13 -3.70
N ASN A 57 4.08 -23.64 -2.60
CA ASN A 57 4.23 -25.07 -2.44
C ASN A 57 2.91 -25.70 -2.10
N GLY A 58 2.75 -26.92 -2.60
CA GLY A 58 1.61 -27.74 -2.29
C GLY A 58 2.00 -29.20 -2.22
N PHE A 59 1.00 -30.06 -2.22
CA PHE A 59 1.26 -31.48 -2.19
C PHE A 59 0.23 -32.21 -3.04
N THR A 60 0.38 -33.54 -3.13
CA THR A 60 -0.36 -34.36 -4.11
C THR A 60 -0.96 -35.36 -3.12
N CYS A 61 -2.27 -35.44 -3.08
CA CYS A 61 -2.95 -36.44 -2.27
C CYS A 61 -3.63 -37.28 -3.36
N THR A 62 -3.40 -38.61 -3.34
CA THR A 62 -4.18 -39.51 -4.22
C THR A 62 -4.84 -40.58 -3.37
N GLY A 63 -5.65 -41.42 -3.99
CA GLY A 63 -6.46 -42.39 -3.26
C GLY A 63 -6.29 -43.80 -3.80
N VAL A 64 -6.43 -44.77 -2.89
CA VAL A 64 -6.21 -46.19 -3.17
C VAL A 64 -7.03 -47.04 -2.20
N VAL A 65 -7.25 -48.29 -2.56
CA VAL A 65 -7.58 -49.33 -1.57
C VAL A 65 -7.55 -50.68 -2.28
N LYS A 83 -8.67 -50.23 -7.50
CA LYS A 83 -7.74 -49.94 -6.42
C LYS A 83 -7.47 -48.44 -6.26
N HIS A 84 -8.33 -47.59 -6.86
CA HIS A 84 -8.29 -46.13 -6.79
C HIS A 84 -9.61 -45.54 -6.30
N PHE A 85 -9.53 -44.41 -5.62
CA PHE A 85 -10.74 -43.65 -5.31
C PHE A 85 -10.43 -42.16 -5.24
N ARG A 86 -11.40 -41.33 -5.60
CA ARG A 86 -11.12 -39.92 -5.56
C ARG A 86 -11.07 -39.49 -4.09
N PRO A 87 -10.01 -38.81 -3.68
CA PRO A 87 -9.82 -38.47 -2.26
C PRO A 87 -10.48 -37.17 -1.84
N THR A 88 -10.61 -37.00 -0.54
CA THR A 88 -11.27 -35.94 0.21
C THR A 88 -10.26 -35.05 0.94
N PRO A 89 -10.43 -33.73 0.88
CA PRO A 89 -9.34 -32.81 1.20
C PRO A 89 -8.91 -32.79 2.66
N ASP A 90 -9.85 -32.53 3.57
CA ASP A 90 -9.50 -32.53 4.99
C ASP A 90 -8.88 -33.86 5.40
N ALA A 91 -9.36 -34.98 4.83
CA ALA A 91 -8.77 -36.27 5.14
C ALA A 91 -7.42 -36.44 4.45
N CYS A 92 -7.20 -35.76 3.33
CA CYS A 92 -5.88 -35.62 2.74
C CYS A 92 -5.01 -34.69 3.57
N ARG A 93 -5.54 -33.49 3.87
CA ARG A 93 -4.86 -32.53 4.72
C ARG A 93 -4.43 -33.19 6.02
N ALA A 94 -5.33 -34.00 6.58
CA ALA A 94 -5.01 -34.85 7.71
C ALA A 94 -3.67 -35.53 7.53
N ALA A 95 -3.49 -36.20 6.38
CA ALA A 95 -2.32 -37.05 6.16
C ALA A 95 -1.09 -36.27 5.69
N TYR A 96 -1.26 -35.04 5.16
CA TYR A 96 -0.10 -34.16 5.02
C TYR A 96 0.53 -33.92 6.37
N ASN A 97 -0.28 -33.49 7.34
CA ASN A 97 0.21 -33.27 8.68
C ASN A 97 0.86 -34.53 9.25
N TRP A 98 0.27 -35.71 9.01
CA TRP A 98 0.89 -36.95 9.47
C TRP A 98 2.25 -37.13 8.82
N LYS A 99 2.25 -37.18 7.49
CA LYS A 99 3.53 -37.39 6.75
C LYS A 99 4.55 -36.39 7.28
N MET A 100 4.10 -35.23 7.76
CA MET A 100 5.04 -34.25 8.36
C MET A 100 5.87 -34.94 9.44
N ALA A 101 5.30 -35.97 10.08
CA ALA A 101 6.02 -36.72 11.14
C ALA A 101 6.07 -38.21 10.80
N GLY A 102 5.20 -38.66 9.89
CA GLY A 102 5.18 -40.07 9.46
C GLY A 102 5.03 -41.03 10.63
N ASP A 103 4.10 -40.75 11.55
CA ASP A 103 3.86 -41.65 12.71
C ASP A 103 2.68 -42.58 12.39
N PRO A 104 1.43 -42.09 12.23
CA PRO A 104 0.30 -42.93 11.83
C PRO A 104 0.21 -42.87 10.30
N ARG A 105 1.23 -42.31 9.65
CA ARG A 105 1.23 -42.17 8.21
C ARG A 105 1.48 -43.52 7.52
N TYR A 106 2.65 -44.13 7.75
CA TYR A 106 3.12 -45.27 6.96
C TYR A 106 2.32 -46.54 7.19
N GLU A 107 1.45 -46.54 8.20
CA GLU A 107 0.51 -47.65 8.37
C GLU A 107 -0.28 -47.86 7.09
N GLU A 108 -0.70 -46.77 6.46
CA GLU A 108 -1.65 -46.84 5.36
C GLU A 108 -0.92 -46.85 4.03
N GLU A 124 -7.97 -48.71 2.83
CA GLU A 124 -8.28 -47.29 2.59
C GLU A 124 -7.16 -46.33 2.94
N SER A 125 -6.55 -45.74 1.91
CA SER A 125 -5.21 -45.19 2.00
C SER A 125 -5.06 -43.96 1.11
N LEU A 126 -4.47 -42.88 1.65
CA LEU A 126 -4.19 -41.67 0.88
C LEU A 126 -2.69 -41.40 0.87
N ILE A 127 -2.10 -41.32 -0.31
CA ILE A 127 -0.66 -41.27 -0.49
C ILE A 127 -0.24 -39.89 -0.98
N ILE A 128 0.70 -39.28 -0.26
CA ILE A 128 0.98 -37.85 -0.32
C ILE A 128 2.40 -37.63 -0.79
N ILE A 129 2.57 -36.63 -1.65
CA ILE A 129 3.83 -36.34 -2.31
C ILE A 129 4.11 -34.84 -2.19
N SER A 130 5.22 -34.49 -1.56
CA SER A 130 5.62 -33.11 -1.38
C SER A 130 7.05 -32.96 -1.85
N PRO A 131 7.48 -31.74 -2.26
CA PRO A 131 6.58 -30.60 -2.41
C PRO A 131 6.14 -30.34 -3.85
N SER A 132 4.85 -30.06 -4.06
CA SER A 132 4.36 -29.70 -5.41
C SER A 132 4.50 -28.19 -5.61
N VAL A 133 5.57 -27.74 -6.25
CA VAL A 133 5.81 -26.32 -6.39
C VAL A 133 4.83 -26.04 -7.50
N THR A 134 4.11 -24.93 -7.37
CA THR A 134 3.29 -24.34 -8.41
C THR A 134 3.61 -22.86 -8.42
N ASP A 135 3.26 -22.16 -9.48
CA ASP A 135 3.62 -20.74 -9.60
C ASP A 135 2.41 -19.83 -9.53
N LEU A 136 2.63 -18.64 -8.97
CA LEU A 136 1.55 -17.71 -8.73
C LEU A 136 1.51 -16.74 -9.89
N ASP A 137 0.32 -16.65 -10.50
CA ASP A 137 0.08 -15.82 -11.67
C ASP A 137 -0.20 -14.38 -11.22
N PRO A 138 0.65 -13.42 -11.58
CA PRO A 138 0.38 -12.03 -11.20
C PRO A 138 -1.00 -11.53 -11.59
N TYR A 139 -1.53 -12.00 -12.72
CA TYR A 139 -2.80 -11.40 -13.22
C TYR A 139 -4.04 -11.95 -12.53
N ASP A 140 -4.28 -13.26 -12.63
CA ASP A 140 -5.53 -13.78 -12.12
C ASP A 140 -5.37 -14.56 -10.83
N LYS A 141 -4.19 -14.47 -10.19
CA LYS A 141 -3.85 -15.25 -8.99
C LYS A 141 -4.15 -16.73 -9.17
N SER A 142 -4.26 -17.17 -10.40
CA SER A 142 -4.31 -18.58 -10.68
C SER A 142 -2.95 -19.21 -10.37
N LEU A 143 -2.96 -20.52 -10.12
CA LEU A 143 -1.74 -21.28 -9.95
C LEU A 143 -1.45 -22.06 -11.21
N HIS A 144 -0.22 -22.00 -11.67
CA HIS A 144 0.22 -22.83 -12.76
C HIS A 144 1.04 -24.01 -12.27
N SER A 145 0.93 -25.13 -12.98
CA SER A 145 1.77 -26.29 -12.78
C SER A 145 1.38 -27.34 -13.78
N ARG A 146 2.34 -28.13 -14.25
CA ARG A 146 2.03 -29.10 -15.29
C ARG A 146 1.04 -30.15 -14.81
N VAL A 147 0.82 -30.22 -13.49
CA VAL A 147 -0.10 -31.17 -12.89
C VAL A 147 -1.56 -30.86 -13.24
N PHE A 148 -1.87 -29.58 -13.43
CA PHE A 148 -3.23 -29.08 -13.50
C PHE A 148 -3.82 -29.24 -14.90
N PRO A 149 -5.09 -29.57 -15.01
CA PRO A 149 -5.71 -29.57 -16.34
C PRO A 149 -5.65 -28.18 -16.94
N GLY A 150 -5.20 -28.11 -18.18
CA GLY A 150 -4.83 -26.85 -18.74
C GLY A 150 -3.57 -26.25 -18.17
N GLY A 151 -2.96 -26.87 -17.16
CA GLY A 151 -1.78 -26.28 -16.54
C GLY A 151 -2.06 -25.07 -15.70
N LYS A 152 -3.33 -24.88 -15.34
CA LYS A 152 -3.75 -23.79 -14.49
C LYS A 152 -4.74 -24.33 -13.47
N CYS A 153 -4.73 -23.70 -12.30
CA CYS A 153 -5.81 -23.75 -11.34
C CYS A 153 -6.27 -22.33 -11.08
N SER A 154 -7.59 -22.10 -10.97
CA SER A 154 -8.05 -20.74 -10.72
C SER A 154 -7.51 -20.21 -9.39
N GLY A 155 -7.33 -21.08 -8.42
CA GLY A 155 -6.73 -20.63 -7.19
C GLY A 155 -7.38 -21.41 -6.08
N ILE A 156 -6.73 -21.42 -4.91
CA ILE A 156 -7.39 -21.88 -3.71
C ILE A 156 -7.85 -20.67 -2.92
N THR A 157 -9.08 -20.78 -2.42
CA THR A 157 -9.82 -19.78 -1.67
C THR A 157 -10.53 -20.51 -0.54
N VAL A 158 -11.26 -19.76 0.29
CA VAL A 158 -11.98 -20.37 1.40
C VAL A 158 -12.87 -21.55 1.00
N SER A 159 -13.59 -21.42 -0.12
CA SER A 159 -14.56 -22.41 -0.57
C SER A 159 -13.91 -23.50 -1.45
N SER A 160 -12.98 -23.11 -2.31
CA SER A 160 -12.15 -24.04 -3.06
C SER A 160 -10.89 -24.31 -2.26
N THR A 161 -10.78 -25.51 -1.71
CA THR A 161 -9.67 -25.88 -0.84
C THR A 161 -8.70 -26.85 -1.48
N TYR A 162 -8.91 -27.24 -2.74
CA TYR A 162 -8.13 -28.31 -3.35
C TYR A 162 -8.19 -28.20 -4.87
N CYS A 163 -7.04 -28.19 -5.52
CA CYS A 163 -7.03 -28.13 -6.96
C CYS A 163 -7.10 -29.54 -7.49
N SER A 164 -7.72 -29.70 -8.65
CA SER A 164 -7.82 -31.01 -9.29
C SER A 164 -6.71 -31.16 -10.33
N THR A 165 -6.33 -32.40 -10.63
CA THR A 165 -5.17 -32.63 -11.49
C THR A 165 -5.53 -33.51 -12.67
N ASN A 166 -4.50 -33.78 -13.46
CA ASN A 166 -4.64 -34.63 -14.64
C ASN A 166 -5.20 -35.99 -14.26
N HIS A 167 -4.88 -36.49 -13.09
CA HIS A 167 -5.35 -37.80 -12.67
C HIS A 167 -6.63 -37.62 -11.88
N ASP A 168 -7.61 -38.49 -12.16
CA ASP A 168 -8.94 -38.27 -11.60
C ASP A 168 -8.93 -38.45 -10.08
N TYR A 169 -8.33 -39.54 -9.59
CA TYR A 169 -8.26 -39.86 -8.16
C TYR A 169 -7.08 -39.20 -7.48
N THR A 170 -6.75 -37.96 -7.83
CA THR A 170 -5.54 -37.32 -7.33
C THR A 170 -5.82 -35.83 -7.26
N ILE A 171 -5.63 -35.24 -6.08
CA ILE A 171 -5.84 -33.81 -5.89
C ILE A 171 -4.57 -33.15 -5.35
N TRP A 172 -4.62 -31.84 -5.29
CA TRP A 172 -3.52 -30.97 -4.93
C TRP A 172 -4.06 -30.02 -3.89
N MET A 173 -3.33 -29.84 -2.80
CA MET A 173 -3.64 -28.83 -1.81
C MET A 173 -2.34 -28.12 -1.47
N PRO A 174 -2.41 -26.94 -0.87
CA PRO A 174 -1.19 -26.17 -0.58
C PRO A 174 -0.62 -26.49 0.80
N GLU A 175 0.64 -26.08 0.97
CA GLU A 175 1.25 -26.22 2.28
C GLU A 175 0.40 -25.51 3.32
N ASN A 176 0.07 -24.24 3.04
CA ASN A 176 -0.92 -23.50 3.83
C ASN A 176 -2.28 -24.15 3.78
N PRO A 177 -3.04 -24.05 4.81
CA PRO A 177 -4.48 -24.22 4.68
C PRO A 177 -5.02 -23.17 3.72
N ARG A 178 -4.90 -21.90 4.11
CA ARG A 178 -5.28 -20.79 3.24
C ARG A 178 -4.02 -20.03 2.83
N PRO A 179 -3.54 -20.23 1.62
CA PRO A 179 -2.45 -19.40 1.12
C PRO A 179 -2.87 -17.96 0.95
N ARG A 180 -1.88 -17.08 1.07
CA ARG A 180 -2.06 -15.66 0.95
C ARG A 180 -1.05 -15.15 -0.08
N THR A 181 -1.48 -14.30 -1.00
CA THR A 181 -0.51 -13.67 -1.89
C THR A 181 0.65 -13.09 -1.10
N PRO A 182 1.90 -13.50 -1.37
CA PRO A 182 3.05 -12.91 -0.65
C PRO A 182 3.26 -11.46 -1.06
N CYS A 183 3.27 -10.57 -0.06
CA CYS A 183 3.59 -9.17 -0.31
C CYS A 183 4.89 -8.68 0.33
N ASP A 184 5.52 -9.46 1.21
CA ASP A 184 6.87 -9.10 1.62
C ASP A 184 7.84 -9.75 0.66
N ILE A 185 8.07 -9.10 -0.47
CA ILE A 185 8.86 -9.77 -1.50
C ILE A 185 9.97 -8.83 -1.96
N PHE A 186 9.98 -7.60 -1.52
CA PHE A 186 10.98 -6.68 -2.05
C PHE A 186 12.18 -6.39 -1.18
N THR A 187 13.22 -5.89 -1.83
CA THR A 187 14.38 -5.34 -1.17
C THR A 187 14.39 -3.82 -1.41
N ASN A 188 14.99 -3.09 -0.47
CA ASN A 188 15.33 -1.68 -0.70
C ASN A 188 16.72 -1.61 -1.32
N SER A 189 16.92 -0.70 -2.26
CA SER A 189 18.19 -0.68 -2.96
C SER A 189 18.57 0.75 -3.29
N ARG A 190 19.86 0.98 -3.53
CA ARG A 190 20.36 2.30 -3.85
C ARG A 190 21.32 2.18 -5.02
N GLY A 191 20.96 2.79 -6.15
CA GLY A 191 21.90 2.87 -7.26
C GLY A 191 22.20 4.30 -7.69
N LYS A 192 22.77 4.43 -8.88
CA LYS A 192 22.87 5.71 -9.57
C LYS A 192 22.12 5.56 -10.89
N ARG A 193 21.31 6.54 -11.25
CA ARG A 193 20.51 6.45 -12.46
C ARG A 193 21.12 7.33 -13.53
N ALA A 194 20.98 6.93 -14.79
CA ALA A 194 21.64 7.66 -15.89
C ALA A 194 20.60 8.26 -16.83
N SER A 195 20.81 9.51 -17.25
CA SER A 195 19.85 10.19 -18.17
C SER A 195 20.62 10.93 -19.28
N ASN A 196 20.54 10.44 -20.51
CA ASN A 196 21.20 11.13 -21.65
C ASN A 196 20.67 12.57 -21.71
N GLY A 197 19.36 12.75 -21.52
CA GLY A 197 18.77 14.11 -21.49
C GLY A 197 17.88 14.27 -20.27
N ASN A 198 16.91 15.18 -20.31
CA ASN A 198 15.95 15.31 -19.19
C ASN A 198 15.39 13.92 -18.88
N LYS A 199 15.04 13.16 -19.92
CA LYS A 199 14.52 11.77 -19.72
C LYS A 199 15.67 10.86 -19.31
N THR A 200 15.39 9.88 -18.42
CA THR A 200 16.44 8.96 -17.93
C THR A 200 16.38 7.62 -18.67
N CYS A 201 17.50 6.89 -18.72
CA CYS A 201 17.54 5.66 -19.57
C CYS A 201 17.99 4.39 -18.82
N GLY A 202 18.99 4.43 -17.93
CA GLY A 202 19.35 3.22 -17.22
C GLY A 202 19.92 3.57 -15.88
N PHE A 203 20.21 2.53 -15.11
CA PHE A 203 20.74 2.76 -13.78
C PHE A 203 21.78 1.70 -13.50
N VAL A 204 22.48 1.85 -12.37
CA VAL A 204 23.48 0.90 -11.92
C VAL A 204 23.05 0.37 -10.54
N ASP A 205 22.72 -0.91 -10.48
CA ASP A 205 22.11 -1.46 -9.27
C ASP A 205 23.11 -1.51 -8.12
N GLU A 206 22.67 -1.95 -6.94
CA GLU A 206 23.53 -1.83 -5.77
C GLU A 206 24.75 -2.73 -5.91
N ARG A 207 24.69 -3.70 -6.83
CA ARG A 207 25.82 -4.54 -7.16
C ARG A 207 26.59 -3.97 -8.34
N GLY A 208 26.37 -2.70 -8.68
CA GLY A 208 27.23 -2.02 -9.64
C GLY A 208 27.03 -2.16 -11.14
N LEU A 209 26.03 -2.92 -11.59
CA LEU A 209 25.84 -3.25 -13.00
C LEU A 209 24.82 -2.41 -13.75
N TYR A 210 25.21 -1.86 -14.90
CA TYR A 210 24.31 -0.98 -15.62
C TYR A 210 23.12 -1.76 -16.12
N LYS A 211 21.96 -1.36 -15.71
CA LYS A 211 20.75 -1.94 -16.25
C LYS A 211 20.01 -0.89 -17.07
N SER A 212 19.70 -1.24 -18.31
CA SER A 212 19.02 -0.31 -19.19
C SER A 212 17.53 -0.56 -19.09
N LEU A 213 16.79 0.55 -18.96
CA LEU A 213 15.34 0.53 -19.03
C LEU A 213 14.81 0.22 -20.42
N LYS A 214 15.64 0.34 -21.47
CA LYS A 214 15.19 -0.09 -22.79
C LYS A 214 14.60 -1.49 -22.68
N GLY A 215 13.44 -1.68 -23.29
CA GLY A 215 12.78 -2.97 -23.34
C GLY A 215 11.96 -3.37 -22.13
N ALA A 216 11.75 -2.49 -21.16
CA ALA A 216 11.04 -2.91 -19.97
C ALA A 216 9.56 -2.56 -20.10
N CYS A 217 8.71 -3.38 -19.48
CA CYS A 217 7.28 -3.12 -19.43
C CYS A 217 6.82 -3.02 -17.99
N ARG A 218 5.65 -2.43 -17.78
CA ARG A 218 5.06 -2.33 -16.45
C ARG A 218 4.49 -3.66 -15.98
N LEU A 219 4.55 -3.88 -14.66
CA LEU A 219 4.11 -5.14 -14.07
C LEU A 219 3.64 -4.84 -12.65
N LYS A 220 2.40 -5.19 -12.30
CA LYS A 220 1.84 -4.72 -11.05
C LYS A 220 2.03 -5.80 -9.99
N LEU A 221 2.98 -5.56 -9.10
CA LEU A 221 3.28 -6.35 -7.91
C LEU A 221 2.78 -5.63 -6.67
N CYS A 222 1.99 -6.33 -5.86
CA CYS A 222 1.47 -5.82 -4.59
C CYS A 222 0.89 -4.43 -4.71
N GLY A 223 0.23 -4.15 -5.83
CA GLY A 223 -0.36 -2.84 -5.92
C GLY A 223 0.65 -1.75 -6.15
N VAL A 224 1.85 -2.14 -6.58
CA VAL A 224 2.87 -1.23 -7.07
C VAL A 224 3.08 -1.54 -8.53
N LEU A 225 3.38 -0.52 -9.30
CA LEU A 225 3.49 -0.63 -10.74
C LEU A 225 4.97 -0.54 -11.08
N GLY A 226 5.63 -1.70 -11.20
CA GLY A 226 7.06 -1.73 -11.43
C GLY A 226 7.43 -2.09 -12.85
N LEU A 227 8.70 -1.89 -13.17
CA LEU A 227 9.26 -2.33 -14.44
C LEU A 227 9.91 -3.71 -14.31
N ARG A 228 9.36 -4.68 -15.03
CA ARG A 228 10.17 -5.82 -15.43
C ARG A 228 11.19 -5.31 -16.43
N LEU A 229 12.48 -5.38 -16.06
CA LEU A 229 13.56 -4.87 -16.94
C LEU A 229 14.27 -5.77 -17.95
N MET A 230 15.05 -6.75 -17.46
CA MET A 230 15.81 -7.65 -18.37
C MET A 230 15.79 -8.97 -17.57
N ASP A 231 15.35 -10.05 -18.21
CA ASP A 231 15.31 -11.38 -17.53
C ASP A 231 14.33 -11.31 -16.36
N GLY A 232 13.38 -10.37 -16.41
CA GLY A 232 12.37 -10.25 -15.33
C GLY A 232 12.78 -9.26 -14.26
N THR A 233 14.02 -8.75 -14.32
CA THR A 233 14.51 -7.79 -13.31
C THR A 233 13.27 -6.93 -13.02
N TRP A 234 12.84 -6.87 -11.76
CA TRP A 234 11.63 -6.12 -11.42
C TRP A 234 12.13 -5.07 -10.44
N VAL A 235 12.09 -3.80 -10.86
CA VAL A 235 12.40 -2.66 -10.02
C VAL A 235 11.16 -1.79 -9.97
N ALA A 236 11.03 -0.99 -8.91
CA ALA A 236 9.99 0.03 -8.83
C ALA A 236 10.66 1.35 -8.50
N MET A 237 10.47 2.34 -9.36
CA MET A 237 11.09 3.61 -9.10
C MET A 237 10.15 4.46 -8.26
N GLN A 238 10.61 5.65 -7.93
CA GLN A 238 9.71 6.62 -7.33
C GLN A 238 9.19 7.57 -8.40
N THR A 239 10.08 7.98 -9.31
CA THR A 239 9.69 8.61 -10.55
C THR A 239 8.97 7.85 -11.67
N SER A 240 7.77 8.34 -12.04
CA SER A 240 6.93 7.60 -12.97
C SER A 240 6.75 8.20 -14.37
N ASP A 241 7.29 7.51 -15.36
CA ASP A 241 7.03 7.82 -16.75
C ASP A 241 6.12 6.73 -17.29
N GLU A 242 5.25 7.09 -18.22
CA GLU A 242 4.33 6.09 -18.74
C GLU A 242 5.12 5.08 -19.58
N THR A 243 4.75 3.81 -19.46
CA THR A 243 5.41 2.82 -20.28
C THR A 243 4.46 1.66 -20.56
N LYS A 244 4.78 0.96 -21.66
CA LYS A 244 3.98 -0.13 -22.15
C LYS A 244 3.96 -1.23 -21.12
N TRP A 245 2.90 -2.04 -21.15
CA TRP A 245 2.71 -3.01 -20.09
C TRP A 245 3.22 -4.38 -20.52
N CYS A 246 3.30 -5.28 -19.55
CA CYS A 246 3.71 -6.62 -19.94
C CYS A 246 2.46 -7.42 -20.30
N PRO A 247 2.51 -8.28 -21.31
CA PRO A 247 1.29 -8.93 -21.77
C PRO A 247 0.94 -10.08 -20.84
N PRO A 248 -0.35 -10.41 -20.69
CA PRO A 248 -0.72 -11.45 -19.71
C PRO A 248 -0.25 -12.83 -20.08
N ASP A 249 0.37 -12.99 -21.24
CA ASP A 249 0.96 -14.25 -21.64
C ASP A 249 2.38 -14.44 -21.11
N GLN A 250 3.23 -13.42 -21.16
CA GLN A 250 4.62 -13.60 -20.75
C GLN A 250 4.81 -13.41 -19.23
N LEU A 251 3.71 -13.39 -18.48
CA LEU A 251 3.64 -12.83 -17.13
C LEU A 251 4.24 -13.71 -16.05
N VAL A 252 4.32 -15.03 -16.26
CA VAL A 252 4.97 -15.94 -15.33
C VAL A 252 6.29 -16.39 -15.95
N ASN A 253 7.32 -16.54 -15.10
CA ASN A 253 8.69 -16.87 -15.55
C ASN A 253 9.22 -15.99 -16.70
N LEU A 270 28.59 -14.02 -31.40
CA LEU A 270 28.50 -15.32 -30.74
C LEU A 270 27.10 -15.57 -30.22
N VAL A 271 26.09 -15.17 -31.00
CA VAL A 271 24.74 -15.66 -30.77
C VAL A 271 24.63 -17.14 -31.07
N LYS A 272 25.71 -17.70 -31.64
CA LYS A 272 25.91 -19.14 -31.70
C LYS A 272 25.63 -19.79 -30.36
N LYS A 273 26.09 -19.19 -29.26
CA LYS A 273 25.97 -19.83 -27.96
C LYS A 273 24.52 -20.15 -27.64
N ARG A 274 23.57 -19.33 -28.13
CA ARG A 274 22.16 -19.65 -27.95
C ARG A 274 21.80 -20.96 -28.62
N GLU A 275 22.46 -21.29 -29.73
CA GLU A 275 22.19 -22.58 -30.36
C GLU A 275 23.09 -23.67 -29.83
N GLU A 276 24.33 -23.34 -29.45
CA GLU A 276 25.13 -24.30 -28.69
C GLU A 276 24.35 -24.80 -27.48
N CYS A 277 23.58 -23.91 -26.86
CA CYS A 277 22.82 -24.25 -25.66
C CYS A 277 21.57 -25.06 -25.99
N LEU A 278 20.77 -24.61 -26.95
CA LEU A 278 19.56 -25.36 -27.28
C LEU A 278 19.84 -26.80 -27.66
N ASP A 279 21.02 -27.06 -28.21
CA ASP A 279 21.40 -28.43 -28.49
C ASP A 279 21.44 -29.21 -27.18
N ALA A 280 22.07 -28.62 -26.16
CA ALA A 280 22.14 -29.25 -24.86
C ALA A 280 20.76 -29.55 -24.31
N LEU A 281 19.83 -28.63 -24.48
CA LEU A 281 18.49 -28.86 -23.96
C LEU A 281 17.83 -30.01 -24.71
N GLU A 282 17.92 -30.01 -26.04
CA GLU A 282 17.40 -31.14 -26.80
C GLU A 282 18.14 -32.42 -26.48
N SER A 283 19.47 -32.33 -26.33
CA SER A 283 20.24 -33.48 -25.87
C SER A 283 19.71 -34.02 -24.54
N ILE A 284 19.29 -33.13 -23.65
CA ILE A 284 18.77 -33.55 -22.37
C ILE A 284 17.42 -34.22 -22.54
N MET A 285 16.56 -33.67 -23.39
CA MET A 285 15.15 -34.08 -23.33
C MET A 285 14.90 -35.41 -24.01
N THR A 286 15.60 -35.69 -25.11
CA THR A 286 15.61 -37.04 -25.69
C THR A 286 15.94 -38.05 -24.61
N THR A 287 17.07 -37.85 -23.94
CA THR A 287 17.52 -38.83 -22.96
C THR A 287 16.73 -38.77 -21.67
N LYS A 288 16.04 -37.67 -21.41
CA LYS A 288 15.42 -37.45 -20.11
C LYS A 288 16.45 -37.61 -18.98
N SER A 289 17.69 -37.17 -19.28
CA SER A 289 18.85 -37.32 -18.41
C SER A 289 19.79 -36.14 -18.58
N VAL A 290 20.36 -35.67 -17.47
CA VAL A 290 21.24 -34.50 -17.50
C VAL A 290 22.64 -34.86 -16.96
N SER A 291 23.64 -34.14 -17.46
CA SER A 291 25.02 -34.27 -17.04
C SER A 291 25.57 -32.90 -16.68
N PHE A 292 26.43 -32.84 -15.65
CA PHE A 292 27.08 -31.59 -15.24
C PHE A 292 27.73 -30.84 -16.39
N ARG A 293 28.08 -31.53 -17.46
CA ARG A 293 28.64 -30.85 -18.62
C ARG A 293 27.55 -30.08 -19.34
N ARG A 294 26.53 -30.80 -19.82
CA ARG A 294 25.32 -30.19 -20.36
C ARG A 294 24.60 -29.31 -19.34
N LEU A 295 24.94 -29.39 -18.07
CA LEU A 295 24.38 -28.43 -17.14
C LEU A 295 25.05 -27.07 -17.28
N SER A 296 26.35 -27.05 -17.55
CA SER A 296 26.95 -25.74 -17.46
C SER A 296 26.68 -24.86 -18.67
N HIS A 297 25.94 -25.37 -19.66
CA HIS A 297 25.55 -24.54 -20.80
C HIS A 297 24.36 -23.65 -20.49
N LEU A 298 23.51 -24.05 -19.55
CA LEU A 298 22.33 -23.26 -19.19
C LEU A 298 22.67 -22.04 -18.33
N ARG A 299 23.96 -21.70 -18.23
CA ARG A 299 24.39 -20.58 -17.42
C ARG A 299 24.30 -19.29 -18.21
N LYS A 300 23.71 -18.25 -17.61
CA LYS A 300 23.75 -16.92 -18.21
C LYS A 300 25.20 -16.50 -18.46
N LEU A 301 25.54 -16.23 -19.72
CA LEU A 301 26.91 -15.94 -20.12
C LEU A 301 27.31 -14.49 -19.93
N VAL A 302 26.36 -13.62 -19.65
CA VAL A 302 26.64 -12.21 -19.40
C VAL A 302 26.03 -11.85 -18.05
N PRO A 303 26.55 -10.80 -17.37
CA PRO A 303 26.02 -10.42 -16.05
C PRO A 303 24.62 -9.83 -15.95
N GLY A 304 23.83 -10.23 -14.99
CA GLY A 304 22.51 -9.63 -14.83
C GLY A 304 21.70 -10.80 -14.32
N PHE A 305 20.39 -10.63 -14.36
CA PHE A 305 19.56 -11.63 -13.71
C PHE A 305 19.56 -12.94 -14.46
N GLY A 306 19.41 -14.03 -13.74
CA GLY A 306 19.26 -15.31 -14.40
C GLY A 306 19.02 -16.43 -13.40
N LYS A 307 18.51 -17.53 -13.92
CA LYS A 307 18.32 -18.73 -13.12
C LYS A 307 19.62 -19.52 -13.10
N ALA A 308 19.93 -20.07 -11.93
CA ALA A 308 20.99 -21.04 -11.77
C ALA A 308 20.40 -22.40 -11.44
N TYR A 309 21.06 -23.44 -11.94
CA TYR A 309 20.59 -24.81 -11.81
C TYR A 309 21.65 -25.68 -11.14
N THR A 310 21.15 -26.71 -10.45
CA THR A 310 21.97 -27.64 -9.69
C THR A 310 21.12 -28.89 -9.47
N ILE A 311 21.72 -29.92 -8.87
CA ILE A 311 20.97 -31.15 -8.64
C ILE A 311 21.47 -31.84 -7.37
N PHE A 312 20.52 -32.18 -6.48
CA PHE A 312 20.77 -32.74 -5.15
C PHE A 312 20.03 -34.06 -5.01
N ASN A 313 20.76 -35.15 -4.71
CA ASN A 313 20.14 -36.42 -4.31
C ASN A 313 19.16 -36.88 -5.38
N LYS A 314 19.58 -36.75 -6.66
CA LYS A 314 18.83 -37.17 -7.84
C LYS A 314 17.60 -36.29 -8.09
N THR A 315 17.62 -35.05 -7.56
CA THR A 315 16.52 -34.08 -7.58
C THR A 315 16.98 -32.79 -8.23
N LEU A 316 16.31 -32.39 -9.30
CA LEU A 316 16.73 -31.22 -10.04
C LEU A 316 16.24 -29.92 -9.39
N MET A 317 17.09 -28.90 -9.34
CA MET A 317 16.69 -27.67 -8.64
C MET A 317 17.15 -26.40 -9.35
N GLU A 318 16.40 -25.33 -9.13
CA GLU A 318 16.67 -24.05 -9.77
C GLU A 318 16.52 -22.94 -8.75
N ALA A 319 17.11 -21.77 -9.03
CA ALA A 319 17.06 -20.65 -8.09
C ALA A 319 17.43 -19.36 -8.80
N ASP A 320 16.89 -18.24 -8.31
CA ASP A 320 17.17 -16.94 -8.91
C ASP A 320 18.59 -16.51 -8.62
N ALA A 321 19.18 -15.75 -9.54
CA ALA A 321 20.57 -15.35 -9.38
C ALA A 321 20.94 -14.16 -10.24
N HIS A 322 21.75 -13.29 -9.66
CA HIS A 322 22.22 -12.07 -10.29
C HIS A 322 23.66 -12.34 -10.65
N TYR A 323 23.96 -12.48 -11.93
CA TYR A 323 25.30 -12.86 -12.31
C TYR A 323 26.23 -11.67 -12.39
N LYS A 324 27.49 -11.91 -12.05
CA LYS A 324 28.57 -10.95 -12.08
C LYS A 324 29.63 -11.48 -13.02
N SER A 325 30.17 -10.61 -13.86
CA SER A 325 31.18 -11.07 -14.79
C SER A 325 32.49 -11.33 -14.04
N VAL A 326 33.18 -12.39 -14.44
CA VAL A 326 34.42 -12.82 -13.82
C VAL A 326 35.56 -12.51 -14.77
N ARG A 327 36.47 -11.62 -14.37
CA ARG A 327 37.57 -11.31 -15.26
C ARG A 327 38.61 -12.43 -15.29
N THR A 328 38.98 -13.01 -14.13
CA THR A 328 39.96 -14.09 -14.09
C THR A 328 39.53 -15.24 -13.19
N TRP A 329 39.74 -16.48 -13.67
CA TRP A 329 39.40 -17.69 -12.92
C TRP A 329 39.85 -17.65 -11.48
N ASN A 330 40.86 -16.84 -11.19
CA ASN A 330 41.38 -16.88 -9.85
C ASN A 330 40.42 -16.22 -8.87
N GLU A 331 39.75 -15.14 -9.29
CA GLU A 331 38.94 -14.37 -8.34
C GLU A 331 37.75 -15.16 -7.79
N ILE A 332 37.38 -16.27 -8.43
CA ILE A 332 36.29 -17.08 -7.91
C ILE A 332 36.78 -18.37 -7.24
N ILE A 333 37.93 -18.89 -7.68
CA ILE A 333 38.62 -20.01 -7.04
C ILE A 333 39.95 -19.54 -6.48
N PRO A 334 40.00 -19.13 -5.22
CA PRO A 334 41.27 -18.67 -4.64
C PRO A 334 41.94 -19.71 -3.75
N SER A 335 41.20 -20.72 -3.31
CA SER A 335 41.62 -21.75 -2.38
C SER A 335 41.50 -23.14 -3.01
N LYS A 336 41.74 -24.18 -2.20
CA LYS A 336 41.73 -25.55 -2.72
C LYS A 336 40.30 -26.02 -2.99
N GLY A 337 39.40 -25.82 -2.03
CA GLY A 337 38.01 -26.18 -2.24
C GLY A 337 37.03 -25.03 -2.09
N CYS A 338 37.46 -23.80 -2.33
CA CYS A 338 36.64 -22.63 -2.06
C CYS A 338 36.19 -21.97 -3.34
N LEU A 339 34.88 -21.73 -3.43
CA LEU A 339 34.23 -21.03 -4.53
C LEU A 339 33.70 -19.69 -3.99
N LYS A 340 34.47 -18.62 -4.20
CA LYS A 340 34.02 -17.32 -3.73
C LYS A 340 32.74 -16.91 -4.47
N VAL A 341 31.65 -16.77 -3.74
CA VAL A 341 30.39 -16.24 -4.26
C VAL A 341 29.67 -15.49 -3.16
N GLY A 342 29.32 -14.24 -3.44
CA GLY A 342 28.78 -13.40 -2.38
C GLY A 342 29.81 -13.19 -1.31
N GLY A 343 31.07 -13.04 -1.71
CA GLY A 343 32.17 -12.67 -0.83
C GLY A 343 32.62 -13.69 0.17
N ARG A 344 31.91 -14.82 0.32
CA ARG A 344 32.32 -15.92 1.18
C ARG A 344 32.63 -17.15 0.32
N CYS A 345 32.96 -18.26 0.97
CA CYS A 345 33.08 -19.53 0.26
C CYS A 345 31.72 -20.24 0.24
N HIS A 346 31.36 -20.79 -0.92
CA HIS A 346 30.04 -21.41 -1.07
C HIS A 346 30.00 -22.83 -0.50
N PRO A 347 28.95 -23.16 0.25
CA PRO A 347 28.73 -24.55 0.66
C PRO A 347 28.37 -25.44 -0.51
N HIS A 348 28.81 -26.67 -0.43
CA HIS A 348 28.47 -27.70 -1.39
C HIS A 348 27.61 -28.76 -0.73
N VAL A 349 26.77 -29.39 -1.52
CA VAL A 349 25.98 -30.52 -1.06
C VAL A 349 26.58 -31.77 -1.68
N ASN A 350 27.27 -32.57 -0.87
CA ASN A 350 27.95 -33.77 -1.31
C ASN A 350 28.73 -33.50 -2.59
N GLY A 351 29.62 -32.53 -2.47
CA GLY A 351 30.56 -32.21 -3.51
C GLY A 351 29.99 -31.45 -4.68
N VAL A 352 28.71 -31.08 -4.65
CA VAL A 352 28.05 -30.45 -5.79
C VAL A 352 27.77 -29.00 -5.40
N PHE A 353 28.34 -28.07 -6.14
CA PHE A 353 27.95 -26.68 -6.07
C PHE A 353 26.98 -26.56 -7.24
N PHE A 354 26.42 -25.38 -7.44
CA PHE A 354 25.63 -25.03 -8.61
C PHE A 354 26.30 -24.99 -9.98
N ASN A 355 25.46 -24.97 -11.04
CA ASN A 355 25.90 -24.71 -12.43
C ASN A 355 27.02 -25.65 -12.89
N GLY A 356 26.89 -26.92 -12.55
CA GLY A 356 27.86 -27.92 -12.95
C GLY A 356 29.13 -27.88 -12.16
N ILE A 357 29.38 -26.83 -11.38
CA ILE A 357 30.60 -26.74 -10.58
C ILE A 357 30.55 -27.79 -9.49
N ILE A 358 31.52 -28.68 -9.48
CA ILE A 358 31.54 -29.77 -8.52
C ILE A 358 32.87 -29.78 -7.78
N LEU A 359 33.12 -30.86 -7.03
CA LEU A 359 34.26 -30.96 -6.11
C LEU A 359 34.91 -32.35 -6.12
N ASP A 362 38.51 -35.42 -5.17
CA ASP A 362 39.91 -35.00 -5.03
C ASP A 362 40.12 -33.92 -3.96
N ASP A 363 39.00 -33.28 -3.58
CA ASP A 363 38.92 -32.09 -2.71
C ASP A 363 39.28 -30.81 -3.45
N HIS A 364 39.03 -30.74 -4.77
CA HIS A 364 39.46 -29.62 -5.62
C HIS A 364 38.28 -29.13 -6.44
N VAL A 365 38.00 -27.82 -6.36
CA VAL A 365 36.88 -27.20 -7.09
C VAL A 365 37.19 -27.19 -8.58
N LEU A 366 36.44 -27.99 -9.34
CA LEU A 366 36.64 -28.01 -10.81
C LEU A 366 35.46 -27.30 -11.50
N ILE A 367 35.75 -26.38 -12.42
CA ILE A 367 34.66 -25.68 -13.17
C ILE A 367 34.59 -26.28 -14.59
N PRO A 368 33.43 -26.78 -15.04
CA PRO A 368 33.32 -27.43 -16.34
C PRO A 368 33.88 -26.57 -17.49
N GLU A 369 33.74 -25.25 -17.40
CA GLU A 369 34.17 -24.40 -18.51
C GLU A 369 35.65 -24.11 -18.27
N MET A 370 36.10 -24.17 -17.02
CA MET A 370 37.51 -23.90 -16.72
C MET A 370 38.38 -25.08 -17.14
N GLN A 371 38.11 -26.26 -16.57
CA GLN A 371 38.64 -27.52 -17.07
C GLN A 371 38.72 -27.83 -18.56
N SER A 372 37.75 -27.40 -19.37
CA SER A 372 37.74 -27.80 -20.77
C SER A 372 38.60 -26.74 -21.44
N SER A 373 38.97 -25.68 -20.74
CA SER A 373 39.92 -24.72 -21.30
C SER A 373 41.36 -25.13 -21.03
N LEU A 374 41.71 -25.31 -19.76
CA LEU A 374 43.09 -25.69 -19.43
C LEU A 374 43.52 -26.92 -20.20
N LEU A 375 42.62 -27.89 -20.36
CA LEU A 375 42.94 -29.07 -21.15
C LEU A 375 43.29 -28.86 -22.61
N GLN A 376 42.75 -27.77 -23.14
CA GLN A 376 42.90 -27.50 -24.55
C GLN A 376 44.11 -26.56 -24.53
N GLN A 377 44.21 -25.70 -23.51
CA GLN A 377 45.36 -24.81 -23.43
C GLN A 377 46.64 -25.58 -23.20
N HIS A 378 46.67 -26.42 -22.15
CA HIS A 378 47.86 -27.22 -21.83
C HIS A 378 48.18 -28.17 -22.95
N MET A 379 47.21 -29.02 -23.29
CA MET A 379 47.39 -30.05 -24.31
C MET A 379 48.09 -29.42 -25.49
N GLU A 380 47.70 -28.18 -25.81
CA GLU A 380 48.27 -27.50 -26.95
C GLU A 380 49.76 -27.26 -26.78
N LEU A 381 50.18 -26.64 -25.66
CA LEU A 381 51.60 -26.37 -25.48
C LEU A 381 52.38 -27.66 -25.53
N LEU A 382 51.80 -28.71 -24.96
CA LEU A 382 52.44 -30.00 -24.94
C LEU A 382 52.57 -30.59 -26.33
N LYS A 383 51.71 -30.21 -27.25
CA LYS A 383 51.91 -30.78 -28.57
C LYS A 383 52.77 -29.92 -29.47
N SER A 384 53.11 -28.70 -29.05
CA SER A 384 53.99 -27.85 -29.85
C SER A 384 55.22 -28.61 -30.30
N SER A 385 55.74 -28.22 -31.44
CA SER A 385 56.81 -28.96 -32.09
C SER A 385 58.01 -28.07 -32.35
N VAL A 386 59.05 -28.66 -32.95
CA VAL A 386 60.33 -28.02 -33.22
C VAL A 386 61.00 -28.86 -34.31
N ILE A 387 62.05 -28.34 -34.91
CA ILE A 387 63.01 -29.13 -35.67
C ILE A 387 64.21 -28.93 -34.76
N PRO A 388 64.79 -29.97 -34.13
CA PRO A 388 66.01 -29.73 -33.34
C PRO A 388 67.21 -29.62 -34.25
N LEU A 389 68.19 -28.82 -33.82
CA LEU A 389 69.37 -28.66 -34.65
C LEU A 389 70.07 -29.98 -34.81
N MET A 390 70.63 -30.19 -35.99
CA MET A 390 71.49 -31.33 -36.24
C MET A 390 72.73 -30.70 -36.85
N HIS A 391 73.88 -31.29 -36.53
CA HIS A 391 75.22 -31.01 -37.02
C HIS A 391 75.11 -31.40 -38.48
N PRO A 392 75.87 -30.77 -39.37
CA PRO A 392 75.80 -31.18 -40.78
C PRO A 392 76.30 -32.60 -40.91
N LEU A 393 77.53 -32.83 -40.48
CA LEU A 393 78.20 -34.09 -40.66
C LEU A 393 77.61 -35.21 -39.85
N ALA A 394 76.56 -34.96 -39.10
CA ALA A 394 75.99 -35.95 -38.22
C ALA A 394 74.93 -36.83 -38.89
N ASP A 395 74.54 -36.57 -40.18
CA ASP A 395 73.46 -37.28 -40.90
C ASP A 395 73.94 -38.61 -41.49
N PRO A 396 73.05 -39.62 -41.57
CA PRO A 396 73.42 -40.88 -42.23
C PRO A 396 73.62 -40.71 -43.73
N SER A 397 72.59 -40.14 -44.33
CA SER A 397 72.56 -39.81 -45.73
C SER A 397 72.73 -38.30 -45.83
N THR A 398 74.00 -37.90 -45.99
CA THR A 398 74.38 -36.57 -46.46
C THR A 398 75.29 -36.77 -47.67
N VAL A 399 74.75 -36.56 -48.85
CA VAL A 399 75.52 -36.72 -50.07
C VAL A 399 76.54 -35.61 -50.18
N PHE A 400 77.78 -35.97 -50.41
CA PHE A 400 78.79 -34.96 -50.59
C PHE A 400 79.04 -34.84 -52.06
N LYS A 401 79.03 -33.61 -52.56
CA LYS A 401 79.29 -33.38 -53.97
C LYS A 401 80.80 -33.28 -54.15
N GLU A 402 81.36 -34.19 -54.92
CA GLU A 402 82.80 -34.21 -55.08
C GLU A 402 83.29 -32.92 -55.73
N GLY A 403 84.59 -32.66 -55.61
CA GLY A 403 85.15 -31.43 -56.20
C GLY A 403 85.32 -30.34 -55.14
N ASP A 404 86.01 -29.26 -55.52
CA ASP A 404 86.06 -28.05 -54.67
C ASP A 404 84.78 -27.28 -55.02
N GLU A 405 83.71 -27.48 -54.27
CA GLU A 405 82.39 -26.97 -54.72
C GLU A 405 82.40 -26.95 -53.19
N ALA A 406 81.76 -25.94 -52.58
CA ALA A 406 81.75 -25.80 -51.14
C ALA A 406 80.30 -26.15 -50.88
N GLU A 407 80.07 -26.95 -49.84
CA GLU A 407 78.72 -27.40 -49.54
C GLU A 407 77.90 -26.25 -48.96
N ASP A 408 76.61 -26.51 -48.74
CA ASP A 408 75.67 -25.47 -48.28
C ASP A 408 75.64 -25.40 -46.75
N PHE A 409 76.75 -24.92 -46.21
CA PHE A 409 76.84 -24.55 -44.81
C PHE A 409 76.92 -23.06 -45.16
N VAL A 410 75.86 -22.32 -44.80
CA VAL A 410 75.82 -20.90 -45.08
C VAL A 410 75.82 -20.46 -43.61
N GLU A 411 77.02 -20.17 -43.13
CA GLU A 411 77.27 -19.67 -41.78
C GLU A 411 78.21 -18.47 -41.88
N VAL A 412 78.49 -18.00 -43.10
CA VAL A 412 79.15 -16.71 -43.25
C VAL A 412 78.19 -15.68 -43.86
N GLN B 1 -12.87 17.53 -15.91
CA GLN B 1 -12.03 16.34 -16.01
C GLN B 1 -12.74 15.10 -15.47
N ILE B 2 -12.16 14.50 -14.41
CA ILE B 2 -12.70 13.31 -13.76
C ILE B 2 -13.70 13.70 -12.69
N THR B 3 -14.76 12.90 -12.54
CA THR B 3 -15.77 13.16 -11.53
C THR B 3 -16.20 11.84 -10.90
N LEU B 4 -16.38 11.79 -9.58
CA LEU B 4 -16.80 10.56 -8.95
C LEU B 4 -17.96 10.82 -8.03
N LYS B 5 -18.98 9.99 -8.12
CA LYS B 5 -20.22 10.18 -7.37
C LYS B 5 -20.51 8.94 -6.53
N GLU B 6 -20.34 9.09 -5.23
CA GLU B 6 -20.82 8.13 -4.25
C GLU B 6 -22.34 8.12 -4.22
N THR B 7 -22.94 6.94 -4.13
CA THR B 7 -24.36 6.83 -3.91
C THR B 7 -24.59 5.65 -2.96
N GLY B 8 -25.71 5.66 -2.26
CA GLY B 8 -26.01 4.54 -1.38
C GLY B 8 -26.97 4.91 -0.28
N PRO B 9 -27.12 4.05 0.72
CA PRO B 9 -27.98 4.36 1.87
C PRO B 9 -27.28 5.35 2.79
N THR B 10 -27.87 6.54 2.92
CA THR B 10 -27.41 7.48 3.92
C THR B 10 -27.35 6.86 5.32
N LEU B 11 -28.22 5.91 5.63
CA LEU B 11 -28.36 5.41 7.00
C LEU B 11 -28.51 3.90 6.99
N VAL B 12 -27.77 3.22 7.88
CA VAL B 12 -27.81 1.75 8.01
C VAL B 12 -27.76 1.37 9.49
N LYS B 13 -28.53 0.28 9.88
CA LYS B 13 -28.64 -0.17 11.26
C LYS B 13 -27.45 -1.04 11.63
N PRO B 14 -26.93 -0.95 12.86
CA PRO B 14 -25.82 -1.82 13.24
C PRO B 14 -26.18 -3.28 13.05
N THR B 15 -25.21 -4.04 12.56
CA THR B 15 -25.21 -5.48 12.23
C THR B 15 -25.94 -5.72 10.92
N GLN B 16 -26.05 -4.72 10.04
CA GLN B 16 -26.72 -4.89 8.76
C GLN B 16 -25.54 -4.80 7.78
N THR B 17 -25.86 -4.92 6.49
CA THR B 17 -24.86 -4.85 5.42
C THR B 17 -24.94 -3.50 4.73
N LEU B 18 -23.82 -2.83 4.60
CA LEU B 18 -23.79 -1.58 3.85
C LEU B 18 -23.17 -1.80 2.48
N THR B 19 -23.72 -1.12 1.49
CA THR B 19 -23.33 -1.31 0.10
C THR B 19 -23.51 0.01 -0.64
N LEU B 20 -22.40 0.57 -1.12
CA LEU B 20 -22.33 1.93 -1.67
C LEU B 20 -21.80 1.84 -3.10
N THR B 21 -21.99 2.89 -3.89
CA THR B 21 -21.67 2.79 -5.32
C THR B 21 -21.03 4.06 -5.83
N CYS B 22 -19.75 4.00 -6.12
CA CYS B 22 -19.07 5.09 -6.79
C CYS B 22 -19.21 4.98 -8.30
N THR B 23 -19.73 6.03 -8.93
CA THR B 23 -19.96 6.10 -10.37
C THR B 23 -19.06 7.18 -10.93
N PHE B 24 -18.33 6.90 -11.98
CA PHE B 24 -17.26 7.80 -12.37
C PHE B 24 -16.91 8.07 -13.84
N SER B 25 -16.83 9.35 -14.19
CA SER B 25 -16.71 9.66 -15.62
C SER B 25 -15.40 9.88 -16.35
N GLY B 26 -14.46 10.62 -15.77
CA GLY B 26 -13.37 11.13 -16.58
C GLY B 26 -12.39 10.13 -17.18
N PHE B 27 -12.49 8.86 -16.81
CA PHE B 27 -11.38 7.92 -16.97
C PHE B 27 -11.93 6.52 -17.23
N SER B 28 -11.01 5.56 -17.38
CA SER B 28 -11.27 4.25 -17.96
C SER B 28 -10.92 3.15 -16.99
N LEU B 29 -11.94 2.57 -16.34
CA LEU B 29 -11.68 1.43 -15.42
C LEU B 29 -11.33 0.21 -16.28
N SER B 30 -11.34 0.37 -17.60
CA SER B 30 -10.99 -0.75 -18.53
C SER B 30 -9.59 -0.53 -19.10
N THR B 31 -8.82 0.38 -18.51
CA THR B 31 -7.42 0.63 -18.97
C THR B 31 -6.50 -0.33 -18.22
N SER B 32 -5.21 -0.31 -18.53
CA SER B 32 -4.24 -1.25 -17.89
C SER B 32 -3.40 -0.71 -16.72
N GLY B 33 -3.90 0.28 -15.97
CA GLY B 33 -3.08 0.87 -14.90
C GLY B 33 -3.88 1.66 -13.87
N VAL B 34 -5.21 1.70 -13.98
CA VAL B 34 -6.00 2.58 -13.07
C VAL B 34 -6.67 1.76 -11.95
N GLY B 35 -7.19 2.45 -10.93
CA GLY B 35 -7.91 1.81 -9.87
C GLY B 35 -8.76 2.86 -9.20
N VAL B 36 -9.73 2.37 -8.47
CA VAL B 36 -10.79 3.15 -7.85
C VAL B 36 -10.86 2.71 -6.40
N GLY B 37 -10.58 3.65 -5.48
CA GLY B 37 -10.51 3.33 -4.07
C GLY B 37 -11.73 3.80 -3.30
N TRP B 38 -11.71 3.50 -2.00
CA TRP B 38 -12.60 4.11 -1.02
C TRP B 38 -11.76 4.48 0.18
N ILE B 39 -11.81 5.73 0.58
CA ILE B 39 -11.19 6.21 1.80
C ILE B 39 -12.31 6.73 2.67
N ARG B 40 -12.38 6.25 3.90
CA ARG B 40 -13.37 6.80 4.80
C ARG B 40 -12.83 7.49 6.04
N GLN B 41 -13.45 8.59 6.38
CA GLN B 41 -13.02 9.42 7.50
C GLN B 41 -14.10 9.68 8.53
N PRO B 42 -14.06 8.98 9.65
CA PRO B 42 -15.07 9.21 10.68
C PRO B 42 -15.00 10.65 11.12
N PRO B 43 -16.11 11.23 11.55
CA PRO B 43 -16.22 12.69 11.59
C PRO B 43 -15.20 13.23 12.56
N GLY B 44 -14.41 14.18 12.09
CA GLY B 44 -13.35 14.76 12.90
C GLY B 44 -12.11 13.93 13.09
N LYS B 45 -12.07 12.70 12.60
CA LYS B 45 -10.92 11.84 12.78
C LYS B 45 -10.18 11.76 11.45
N ALA B 46 -9.02 11.07 11.44
CA ALA B 46 -8.15 11.10 10.28
C ALA B 46 -8.56 10.08 9.22
N LEU B 47 -8.19 10.38 7.97
CA LEU B 47 -8.53 9.56 6.80
C LEU B 47 -8.07 8.12 7.00
N GLU B 48 -8.81 7.18 6.42
CA GLU B 48 -8.55 5.76 6.56
C GLU B 48 -8.91 5.08 5.25
N TRP B 49 -7.91 4.54 4.56
CA TRP B 49 -8.18 3.84 3.32
C TRP B 49 -8.95 2.56 3.59
N VAL B 50 -9.85 2.23 2.70
CA VAL B 50 -10.74 1.10 2.90
C VAL B 50 -10.69 -0.04 1.89
N THR B 51 -10.48 0.28 0.62
CA THR B 51 -10.37 -0.76 -0.39
C THR B 51 -9.97 -0.07 -1.69
N LEU B 52 -9.46 -0.86 -2.62
CA LEU B 52 -9.06 -0.37 -3.93
C LEU B 52 -9.25 -1.52 -4.91
N ILE B 53 -9.70 -1.24 -6.13
CA ILE B 53 -9.81 -2.28 -7.14
C ILE B 53 -9.20 -1.76 -8.42
N TYR B 54 -8.43 -2.60 -9.08
CA TYR B 54 -7.68 -2.21 -10.26
C TYR B 54 -8.30 -2.79 -11.53
N TRP B 55 -7.79 -2.33 -12.67
CA TRP B 55 -8.43 -2.68 -13.93
C TRP B 55 -8.52 -4.19 -14.10
N ASP B 56 -7.58 -4.95 -13.53
CA ASP B 56 -7.63 -6.41 -13.61
C ASP B 56 -8.31 -7.05 -12.40
N ASP B 57 -9.42 -6.50 -11.94
CA ASP B 57 -10.25 -7.08 -10.89
C ASP B 57 -9.30 -7.56 -9.81
N ASP B 58 -8.28 -6.78 -9.49
CA ASP B 58 -7.47 -7.08 -8.33
C ASP B 58 -8.06 -6.15 -7.30
N LYS B 59 -8.36 -6.69 -6.14
CA LYS B 59 -9.08 -5.94 -5.11
C LYS B 59 -8.17 -5.78 -3.90
N ARG B 60 -7.49 -4.66 -3.82
CA ARG B 60 -6.75 -4.39 -2.59
C ARG B 60 -7.69 -4.09 -1.42
N TYR B 61 -7.27 -4.48 -0.22
CA TYR B 61 -8.07 -4.26 0.98
C TYR B 61 -7.20 -3.76 2.13
N SER B 62 -7.71 -2.76 2.84
CA SER B 62 -7.15 -2.37 4.12
C SER B 62 -7.13 -3.56 5.07
N PRO B 63 -5.99 -3.84 5.72
CA PRO B 63 -5.91 -5.03 6.58
C PRO B 63 -6.87 -5.00 7.74
N SER B 64 -6.98 -3.85 8.41
CA SER B 64 -7.95 -3.70 9.48
C SER B 64 -9.35 -4.11 9.04
N LEU B 65 -9.68 -3.87 7.77
CA LEU B 65 -11.06 -3.89 7.30
C LEU B 65 -11.41 -5.06 6.41
N GLU B 66 -10.42 -5.90 6.07
CA GLU B 66 -10.60 -6.91 5.02
C GLU B 66 -11.73 -7.87 5.33
N ASN B 67 -11.89 -8.26 6.60
CA ASN B 67 -12.87 -9.29 6.91
C ASN B 67 -14.31 -8.82 6.76
N ARG B 68 -14.56 -7.57 6.45
CA ARG B 68 -15.95 -7.16 6.30
C ARG B 68 -16.23 -6.57 4.93
N VAL B 69 -15.28 -5.77 4.43
CA VAL B 69 -15.45 -5.07 3.12
C VAL B 69 -15.51 -6.09 1.97
N THR B 70 -16.18 -5.74 0.87
CA THR B 70 -16.25 -6.62 -0.32
C THR B 70 -16.31 -5.53 -1.40
N ILE B 71 -15.34 -5.52 -2.33
CA ILE B 71 -15.28 -4.43 -3.35
C ILE B 71 -15.63 -5.19 -4.63
N ARG B 72 -16.13 -4.49 -5.65
CA ARG B 72 -16.51 -5.11 -6.90
C ARG B 72 -16.41 -4.10 -8.02
N LYS B 73 -16.16 -4.59 -9.21
CA LYS B 73 -16.03 -3.72 -10.35
C LYS B 73 -17.18 -4.00 -11.31
N ASP B 74 -17.54 -2.98 -12.10
CA ASP B 74 -18.34 -3.20 -13.31
C ASP B 74 -17.76 -1.97 -14.00
N THR B 75 -17.29 -2.13 -15.24
CA THR B 75 -16.62 -1.02 -15.89
C THR B 75 -17.51 -0.93 -17.13
N SER B 76 -18.48 -1.84 -17.24
CA SER B 76 -19.50 -1.65 -18.27
C SER B 76 -20.42 -0.51 -17.92
N LYS B 77 -20.64 -0.26 -16.62
CA LYS B 77 -21.49 0.82 -16.13
C LYS B 77 -20.67 2.04 -15.74
N ASN B 78 -19.34 1.93 -15.72
CA ASN B 78 -18.45 2.86 -15.03
C ASN B 78 -18.71 2.97 -13.54
N GLN B 79 -19.05 1.87 -12.87
CA GLN B 79 -19.39 1.84 -11.46
C GLN B 79 -18.52 0.89 -10.64
N VAL B 80 -18.14 1.31 -9.42
CA VAL B 80 -17.56 0.43 -8.42
C VAL B 80 -18.53 0.33 -7.26
N ALA B 81 -18.65 -0.86 -6.69
CA ALA B 81 -19.44 -1.07 -5.48
C ALA B 81 -18.55 -1.44 -4.31
N LEU B 82 -18.94 -0.94 -3.15
CA LEU B 82 -18.26 -1.20 -1.89
C LEU B 82 -19.29 -1.88 -1.00
N THR B 83 -18.92 -3.00 -0.40
CA THR B 83 -19.89 -3.73 0.41
C THR B 83 -19.26 -4.16 1.72
N MET B 84 -19.76 -3.57 2.80
CA MET B 84 -19.32 -3.78 4.16
C MET B 84 -20.35 -4.58 4.94
N THR B 85 -19.91 -5.67 5.55
CA THR B 85 -20.81 -6.54 6.31
C THR B 85 -20.70 -6.20 7.79
N ASN B 86 -21.73 -6.59 8.55
CA ASN B 86 -21.79 -6.39 9.99
C ASN B 86 -21.48 -4.97 10.49
N MET B 87 -22.24 -4.02 9.95
CA MET B 87 -22.02 -2.63 10.29
C MET B 87 -21.99 -2.32 11.78
N ASP B 88 -20.92 -1.71 12.20
CA ASP B 88 -20.73 -1.29 13.57
C ASP B 88 -20.82 0.23 13.65
N PRO B 89 -21.29 0.77 14.79
CA PRO B 89 -21.50 2.22 14.87
C PRO B 89 -20.25 3.05 14.64
N LEU B 90 -19.07 2.58 15.04
CA LEU B 90 -17.85 3.35 14.78
C LEU B 90 -17.66 3.63 13.30
N ASP B 91 -18.20 2.79 12.43
CA ASP B 91 -18.05 2.99 11.00
C ASP B 91 -18.75 4.25 10.51
N THR B 92 -19.47 4.97 11.36
CA THR B 92 -20.04 6.22 10.92
C THR B 92 -18.95 7.15 10.46
N GLY B 93 -19.14 7.74 9.28
CA GLY B 93 -18.14 8.61 8.71
C GLY B 93 -18.55 9.02 7.32
N THR B 94 -17.69 9.81 6.71
CA THR B 94 -17.83 10.10 5.29
C THR B 94 -17.03 9.08 4.50
N TYR B 95 -17.66 8.52 3.48
CA TYR B 95 -17.00 7.58 2.59
C TYR B 95 -16.66 8.31 1.30
N TYR B 96 -15.39 8.59 1.13
CA TYR B 96 -14.97 9.16 -0.13
C TYR B 96 -14.70 8.05 -1.13
N CYS B 97 -14.90 8.37 -2.39
CA CYS B 97 -14.54 7.49 -3.48
C CYS B 97 -13.48 8.17 -4.31
N ALA B 98 -12.36 7.49 -4.60
CA ALA B 98 -11.26 8.18 -5.28
C ALA B 98 -10.67 7.36 -6.42
N HIS B 99 -9.95 8.06 -7.28
CA HIS B 99 -9.33 7.51 -8.47
C HIS B 99 -7.83 7.42 -8.26
N ARG B 100 -7.26 6.24 -8.50
CA ARG B 100 -5.83 5.99 -8.33
C ARG B 100 -5.13 6.32 -9.63
N GLN B 101 -4.19 7.28 -9.56
CA GLN B 101 -3.40 7.72 -10.70
C GLN B 101 -2.62 6.57 -11.31
N HIS B 102 -2.64 6.45 -12.66
CA HIS B 102 -2.30 5.19 -13.35
C HIS B 102 -0.92 5.15 -14.01
N ILE B 103 -0.25 6.31 -14.14
CA ILE B 103 1.14 6.37 -14.55
C ILE B 103 2.09 6.17 -13.38
N SER B 104 1.65 6.42 -12.17
CA SER B 104 2.57 6.54 -11.07
C SER B 104 2.64 5.18 -10.40
N SER B 105 3.87 4.74 -10.14
CA SER B 105 4.15 3.41 -9.63
C SER B 105 3.61 3.22 -8.22
N PHE B 106 3.99 4.11 -7.31
CA PHE B 106 3.37 3.91 -6.00
C PHE B 106 2.01 4.59 -5.93
N PRO B 107 1.02 3.94 -5.35
CA PRO B 107 -0.37 4.37 -5.54
C PRO B 107 -0.67 5.61 -4.77
N TRP B 108 -1.39 6.53 -5.42
CA TRP B 108 -1.87 7.78 -4.85
C TRP B 108 -3.12 8.27 -5.56
N PHE B 109 -4.05 8.82 -4.79
CA PHE B 109 -5.35 9.22 -5.31
C PHE B 109 -5.29 10.68 -5.75
N ASP B 110 -5.49 10.91 -7.05
CA ASP B 110 -5.52 12.30 -7.59
C ASP B 110 -6.95 12.83 -7.54
N SER B 111 -7.93 12.00 -7.93
CA SER B 111 -9.35 12.44 -7.96
C SER B 111 -10.09 11.92 -6.72
N TRP B 112 -10.99 12.73 -6.15
CA TRP B 112 -11.71 12.33 -4.91
C TRP B 112 -13.15 12.85 -4.92
N GLY B 113 -14.15 11.99 -5.11
CA GLY B 113 -15.51 12.44 -4.98
C GLY B 113 -15.68 13.17 -3.67
N GLN B 114 -16.44 14.26 -3.72
CA GLN B 114 -17.04 14.76 -2.50
C GLN B 114 -17.81 13.62 -1.86
N GLY B 115 -17.35 13.15 -0.72
CA GLY B 115 -17.76 11.85 -0.26
C GLY B 115 -19.06 11.83 0.52
N THR B 116 -19.73 10.69 0.43
CA THR B 116 -20.95 10.43 1.17
C THR B 116 -20.93 10.16 2.67
N LEU B 117 -22.02 10.52 3.35
CA LEU B 117 -22.03 10.62 4.81
C LEU B 117 -22.76 9.39 5.37
N VAL B 118 -22.01 8.33 5.66
CA VAL B 118 -22.62 7.12 6.19
C VAL B 118 -22.78 7.23 7.70
N THR B 119 -23.99 6.99 8.17
CA THR B 119 -24.29 7.07 9.58
C THR B 119 -25.00 5.80 10.01
N VAL B 120 -24.35 5.02 10.84
CA VAL B 120 -24.82 3.71 11.27
C VAL B 120 -25.33 3.81 12.71
N SER B 121 -26.65 3.95 12.85
CA SER B 121 -27.32 4.09 14.14
C SER B 121 -28.58 3.24 14.23
N SER B 122 -28.96 2.88 15.44
CA SER B 122 -30.11 2.01 15.65
C SER B 122 -31.06 2.94 16.38
N ALA B 123 -31.98 3.55 15.66
CA ALA B 123 -33.05 4.29 16.33
C ALA B 123 -34.14 4.31 15.28
N SER B 124 -35.36 4.05 15.71
CA SER B 124 -36.49 4.30 14.84
C SER B 124 -36.62 5.81 14.65
N THR B 125 -37.07 6.19 13.47
CA THR B 125 -37.26 7.60 13.19
C THR B 125 -38.19 8.21 14.23
N LYS B 126 -37.70 9.20 14.96
CA LYS B 126 -38.49 9.83 15.99
C LYS B 126 -38.34 11.33 15.87
N GLY B 127 -39.44 12.05 16.00
CA GLY B 127 -39.46 13.48 15.86
C GLY B 127 -38.66 14.14 16.96
N PRO B 128 -38.50 15.46 16.88
CA PRO B 128 -37.75 16.18 17.90
C PRO B 128 -38.66 16.62 19.02
N SER B 129 -38.04 16.94 20.14
CA SER B 129 -38.69 17.71 21.18
C SER B 129 -38.03 19.07 21.16
N VAL B 130 -38.82 20.12 20.98
CA VAL B 130 -38.30 21.46 20.83
C VAL B 130 -38.67 22.23 22.09
N PHE B 131 -37.60 22.57 22.96
CA PHE B 131 -37.61 23.34 24.20
C PHE B 131 -37.08 24.75 23.96
N PRO B 132 -37.57 25.72 24.72
CA PRO B 132 -37.07 27.10 24.60
C PRO B 132 -35.85 27.38 25.45
N LEU B 133 -34.96 28.19 24.90
CA LEU B 133 -33.79 28.71 25.61
C LEU B 133 -33.97 30.23 25.73
N ALA B 134 -34.54 30.66 26.85
CA ALA B 134 -35.02 32.03 27.05
C ALA B 134 -33.89 32.94 27.52
N PRO B 135 -34.07 34.27 27.42
CA PRO B 135 -33.16 35.30 27.96
C PRO B 135 -33.53 35.76 29.40
N GLY B 143 -25.99 45.41 25.68
CA GLY B 143 -27.08 46.14 25.07
C GLY B 143 -27.87 45.29 24.07
N THR B 144 -27.76 43.97 24.22
CA THR B 144 -28.40 43.02 23.33
C THR B 144 -28.52 41.85 24.30
N ALA B 145 -29.45 40.92 24.05
CA ALA B 145 -29.64 39.73 24.88
C ALA B 145 -29.81 38.70 23.77
N ALA B 146 -29.89 37.41 24.12
CA ALA B 146 -29.95 36.33 23.15
C ALA B 146 -30.89 35.22 23.63
N LEU B 147 -31.64 34.64 22.69
CA LEU B 147 -32.61 33.59 22.98
C LEU B 147 -32.49 32.51 21.94
N GLY B 148 -33.04 31.34 22.25
CA GLY B 148 -32.87 30.25 21.30
C GLY B 148 -33.84 29.11 21.54
N CYS B 149 -33.83 28.19 20.57
CA CYS B 149 -34.53 26.91 20.66
C CYS B 149 -33.56 25.78 20.89
N LEU B 150 -33.97 24.80 21.70
CA LEU B 150 -33.26 23.54 21.91
C LEU B 150 -34.11 22.43 21.30
N VAL B 151 -33.65 21.88 20.17
CA VAL B 151 -34.29 20.76 19.51
C VAL B 151 -33.54 19.51 19.98
N LYS B 152 -34.14 18.74 20.88
CA LYS B 152 -33.49 17.57 21.44
C LYS B 152 -34.15 16.30 20.92
N ASP B 153 -33.37 15.20 20.93
CA ASP B 153 -33.88 13.84 20.72
C ASP B 153 -34.49 13.62 19.34
N TYR B 154 -33.96 14.32 18.33
CA TYR B 154 -34.44 14.06 16.94
C TYR B 154 -33.49 12.93 16.53
N PHE B 155 -33.92 12.04 15.62
CA PHE B 155 -33.06 10.87 15.29
C PHE B 155 -32.60 11.18 13.86
N PRO B 156 -33.40 10.97 12.80
CA PRO B 156 -32.94 11.17 11.42
C PRO B 156 -32.57 12.64 11.20
N GLU B 157 -31.28 12.94 11.13
CA GLU B 157 -30.82 14.34 10.98
C GLU B 157 -31.02 14.46 9.47
N PRO B 158 -31.58 15.58 8.97
CA PRO B 158 -31.39 16.88 9.56
C PRO B 158 -32.66 17.56 10.08
N VAL B 159 -32.49 18.58 10.92
CA VAL B 159 -33.63 19.37 11.36
C VAL B 159 -33.51 20.80 10.85
N THR B 160 -34.65 21.34 10.38
CA THR B 160 -34.74 22.70 9.86
C THR B 160 -35.40 23.61 10.89
N VAL B 161 -34.59 24.47 11.52
CA VAL B 161 -35.09 25.45 12.46
C VAL B 161 -35.20 26.78 11.74
N SER B 162 -36.43 27.28 11.64
CA SER B 162 -36.72 28.61 11.15
C SER B 162 -37.15 29.46 12.33
N TRP B 163 -36.94 30.77 12.24
CA TRP B 163 -37.16 31.69 13.35
C TRP B 163 -38.12 32.80 12.95
N ASN B 164 -39.26 32.88 13.63
CA ASN B 164 -40.29 33.88 13.24
C ASN B 164 -40.56 33.72 11.73
N SER B 165 -40.74 32.48 11.28
CA SER B 165 -41.01 32.21 9.84
C SER B 165 -39.83 32.68 8.99
N GLY B 166 -38.60 32.40 9.42
CA GLY B 166 -37.40 32.78 8.66
C GLY B 166 -37.61 34.21 8.20
N ALA B 167 -38.11 35.08 9.09
CA ALA B 167 -38.29 36.48 8.75
C ALA B 167 -37.18 37.05 9.62
N LEU B 168 -36.58 36.24 10.48
CA LEU B 168 -35.55 36.70 11.38
C LEU B 168 -34.23 36.31 10.73
N THR B 169 -33.24 37.21 10.79
CA THR B 169 -32.11 37.15 9.87
C THR B 169 -30.75 36.84 10.51
N SER B 170 -30.53 37.20 11.77
CA SER B 170 -29.24 36.94 12.46
C SER B 170 -29.39 35.82 13.49
N HIS B 173 -27.56 31.84 14.77
CA HIS B 173 -26.51 30.82 14.72
C HIS B 173 -27.07 29.45 15.06
N THR B 174 -27.48 28.72 14.02
CA THR B 174 -27.89 27.33 14.21
C THR B 174 -26.65 26.44 14.29
N PHE B 175 -26.68 25.53 15.24
CA PHE B 175 -25.56 24.69 15.61
C PHE B 175 -25.68 23.32 14.96
N PRO B 176 -24.59 22.59 14.87
CA PRO B 176 -24.67 21.21 14.41
C PRO B 176 -25.11 20.29 15.54
N ALA B 177 -25.41 19.04 15.18
CA ALA B 177 -25.92 18.06 16.13
C ALA B 177 -24.79 17.17 16.64
N VAL B 178 -24.82 16.86 17.94
CA VAL B 178 -23.93 15.85 18.50
C VAL B 178 -24.76 14.64 18.87
N LEU B 179 -24.23 13.45 18.59
CA LEU B 179 -24.92 12.21 18.91
C LEU B 179 -24.98 12.05 20.42
N GLN B 180 -26.18 11.94 20.97
CA GLN B 180 -26.38 11.87 22.41
C GLN B 180 -25.99 10.49 22.96
N SER B 181 -26.08 10.36 24.28
CA SER B 181 -25.88 9.07 24.95
C SER B 181 -26.93 8.03 24.55
N SER B 182 -27.94 8.42 23.76
CA SER B 182 -29.05 7.54 23.41
C SER B 182 -29.18 7.35 21.90
N GLY B 183 -28.10 7.56 21.14
CA GLY B 183 -28.15 7.37 19.70
C GLY B 183 -29.06 8.33 18.97
N LEU B 184 -29.54 9.37 19.66
CA LEU B 184 -30.38 10.44 19.11
C LEU B 184 -29.58 11.72 18.97
N TYR B 185 -30.05 12.59 18.09
CA TYR B 185 -29.38 13.86 17.84
C TYR B 185 -30.15 15.04 18.41
N SER B 186 -29.43 16.16 18.55
CA SER B 186 -29.98 17.35 19.18
C SER B 186 -29.12 18.43 18.55
N LEU B 187 -29.73 19.57 18.23
CA LEU B 187 -29.03 20.72 17.68
C LEU B 187 -29.81 21.88 18.26
N SER B 188 -29.16 23.05 18.31
CA SER B 188 -29.72 24.23 18.97
C SER B 188 -29.44 25.49 18.16
N SER B 189 -30.49 26.29 17.94
CA SER B 189 -30.46 27.49 17.11
C SER B 189 -30.73 28.70 17.98
N VAL B 190 -29.94 29.75 17.78
CA VAL B 190 -29.95 30.89 18.69
C VAL B 190 -29.81 32.19 17.91
N VAL B 191 -30.42 33.26 18.46
CA VAL B 191 -30.58 34.54 17.78
C VAL B 191 -30.28 35.68 18.75
N THR B 192 -29.68 36.76 18.22
CA THR B 192 -29.48 38.00 18.98
C THR B 192 -30.47 39.05 18.49
N VAL B 193 -31.33 39.49 19.39
CA VAL B 193 -32.40 40.44 19.09
C VAL B 193 -32.16 41.71 19.89
N PRO B 194 -32.86 42.82 19.61
CA PRO B 194 -32.81 43.96 20.53
C PRO B 194 -33.36 43.63 21.90
N SER B 195 -32.53 43.86 22.92
CA SER B 195 -32.89 43.65 24.33
C SER B 195 -34.19 44.35 24.70
N SER B 196 -34.58 45.38 23.94
CA SER B 196 -35.84 46.09 24.13
C SER B 196 -37.04 45.32 23.56
N SER B 197 -36.82 44.48 22.55
CA SER B 197 -37.92 43.73 21.97
C SER B 197 -38.41 42.61 22.88
N LEU B 198 -37.56 42.12 23.77
CA LEU B 198 -38.00 41.13 24.74
C LEU B 198 -39.20 41.58 25.54
N GLY B 199 -40.27 40.80 25.48
CA GLY B 199 -41.49 41.18 26.15
C GLY B 199 -42.31 42.18 25.36
N THR B 200 -41.90 42.55 24.14
CA THR B 200 -42.73 43.34 23.23
C THR B 200 -42.83 42.60 21.88
N GLN B 201 -41.72 42.19 21.26
CA GLN B 201 -41.80 41.36 20.04
C GLN B 201 -41.72 39.87 20.35
N THR B 202 -42.80 39.14 20.10
CA THR B 202 -42.82 37.71 20.41
C THR B 202 -42.00 36.91 19.41
N TYR B 203 -41.30 35.91 19.91
CA TYR B 203 -40.30 35.16 19.13
C TYR B 203 -40.64 33.69 19.15
N ILE B 204 -40.85 33.11 17.97
CA ILE B 204 -41.28 31.73 17.79
C ILE B 204 -40.36 31.04 16.80
N CYS B 205 -39.78 29.91 17.19
CA CYS B 205 -38.93 29.17 16.27
C CYS B 205 -39.74 28.07 15.60
N ASN B 206 -39.54 27.92 14.28
CA ASN B 206 -40.24 26.95 13.46
C ASN B 206 -39.30 25.77 13.23
N VAL B 207 -39.61 24.62 13.84
CA VAL B 207 -38.78 23.43 13.75
C VAL B 207 -39.53 22.35 12.97
N ASN B 208 -38.86 21.76 11.98
CA ASN B 208 -39.43 20.71 11.14
C ASN B 208 -38.43 19.53 11.04
N HIS B 209 -38.84 18.39 11.60
CA HIS B 209 -38.17 17.09 11.46
C HIS B 209 -38.87 16.32 10.36
N LYS B 210 -38.48 16.60 9.11
CA LYS B 210 -39.15 15.95 7.94
C LYS B 210 -39.20 14.43 8.15
N PRO B 211 -38.13 13.77 8.62
CA PRO B 211 -38.15 12.33 8.89
C PRO B 211 -39.53 11.89 9.42
N SER B 212 -39.95 12.42 10.57
CA SER B 212 -41.28 12.08 11.13
C SER B 212 -42.27 13.20 10.81
N ASN B 213 -41.93 14.05 9.83
CA ASN B 213 -42.79 15.19 9.48
C ASN B 213 -43.41 15.78 10.73
N THR B 214 -42.63 15.76 11.81
CA THR B 214 -42.97 16.47 13.05
C THR B 214 -42.61 17.92 12.81
N LYS B 215 -43.61 18.76 12.65
CA LYS B 215 -43.41 20.20 12.60
C LYS B 215 -43.89 20.74 13.93
N VAL B 216 -43.05 21.56 14.58
CA VAL B 216 -43.42 22.20 15.85
C VAL B 216 -42.85 23.60 15.86
N ASP B 217 -43.68 24.58 16.25
CA ASP B 217 -43.28 25.96 16.50
C ASP B 217 -43.37 26.25 17.99
N LYS B 218 -42.40 26.99 18.52
CA LYS B 218 -42.26 27.19 19.96
C LYS B 218 -42.01 28.64 20.31
N LYS B 219 -42.80 29.17 21.26
CA LYS B 219 -42.71 30.55 21.72
C LYS B 219 -41.68 30.65 22.84
N VAL B 220 -40.75 31.62 22.71
CA VAL B 220 -39.52 31.65 23.48
C VAL B 220 -39.64 33.09 23.99
N GLU B 221 -39.68 33.26 25.30
CA GLU B 221 -39.80 34.59 25.91
C GLU B 221 -39.13 34.45 27.27
N PRO B 222 -38.64 35.54 27.84
CA PRO B 222 -38.08 35.45 29.20
C PRO B 222 -39.19 35.24 30.20
N LYS B 223 -38.80 34.86 31.41
CA LYS B 223 -39.76 34.72 32.52
C LYS B 223 -40.09 36.10 33.13
N SER C 1 1.09 -3.26 12.79
CA SER C 1 0.74 -2.47 11.60
C SER C 1 1.83 -1.43 11.25
N TYR C 2 1.99 -1.16 9.96
CA TYR C 2 2.80 -0.02 9.55
C TYR C 2 2.25 1.22 10.17
N VAL C 3 3.12 2.20 10.41
CA VAL C 3 2.63 3.54 10.69
C VAL C 3 3.72 4.52 10.37
N LEU C 4 3.31 5.72 10.00
CA LEU C 4 4.19 6.81 9.71
C LEU C 4 3.66 8.02 10.47
N THR C 5 4.57 8.80 11.06
CA THR C 5 4.16 9.87 11.96
C THR C 5 4.22 11.21 11.23
N GLN C 6 3.33 12.13 11.62
CA GLN C 6 3.43 13.54 11.24
C GLN C 6 2.83 14.29 12.42
N PRO C 7 3.36 15.45 12.78
CA PRO C 7 2.93 16.11 14.00
C PRO C 7 1.49 16.58 13.83
N PRO C 8 0.67 16.54 14.88
CA PRO C 8 -0.56 17.34 14.84
C PRO C 8 -0.18 18.79 14.97
N SER C 9 -1.08 19.67 14.54
CA SER C 9 -0.98 21.10 14.84
C SER C 9 0.35 21.85 14.72
N VAL C 10 0.98 21.78 13.56
CA VAL C 10 2.00 22.81 13.30
C VAL C 10 1.42 24.23 13.28
N SER C 11 2.23 25.22 13.68
CA SER C 11 1.80 26.60 13.78
C SER C 11 2.79 27.48 13.03
N VAL C 12 2.30 28.37 12.18
CA VAL C 12 3.19 29.14 11.31
C VAL C 12 3.07 30.63 11.56
N ALA C 13 4.08 31.35 11.03
CA ALA C 13 4.08 32.80 10.91
C ALA C 13 3.50 33.18 9.55
N PRO C 14 2.34 33.84 9.49
CA PRO C 14 1.70 34.14 8.19
C PRO C 14 2.60 34.94 7.26
N GLY C 15 2.81 34.39 6.07
CA GLY C 15 3.73 34.96 5.12
C GLY C 15 5.13 34.42 5.22
N LYS C 16 5.41 33.57 6.21
CA LYS C 16 6.68 32.88 6.32
C LYS C 16 6.58 31.56 5.53
N THR C 17 7.59 30.70 5.65
CA THR C 17 7.51 29.34 5.14
C THR C 17 7.24 28.38 6.30
N ALA C 18 6.55 27.27 6.00
CA ALA C 18 6.23 26.26 6.98
C ALA C 18 6.83 24.93 6.56
N ARG C 19 6.94 23.97 7.48
CA ARG C 19 7.55 22.67 7.18
C ARG C 19 6.90 21.56 8.03
N ILE C 20 6.27 20.57 7.40
CA ILE C 20 5.71 19.40 8.11
C ILE C 20 6.50 18.15 7.75
N ASN C 21 6.86 17.38 8.77
CA ASN C 21 7.60 16.15 8.57
C ASN C 21 6.64 14.97 8.56
N CYS C 22 6.88 14.06 7.61
CA CYS C 22 6.23 12.75 7.60
C CYS C 22 7.37 11.73 7.68
N GLY C 23 7.27 10.80 8.62
CA GLY C 23 8.33 9.86 8.81
C GLY C 23 7.76 8.49 9.09
N GLY C 24 8.35 7.49 8.46
CA GLY C 24 7.87 6.12 8.57
C GLY C 24 8.96 5.22 8.07
N ASN C 25 8.82 3.95 8.38
CA ASN C 25 9.89 3.01 8.04
C ASN C 25 10.09 2.94 6.53
N ASN C 26 11.35 2.99 6.12
CA ASN C 26 11.79 2.85 4.74
C ASN C 26 11.19 3.87 3.80
N ILE C 27 10.70 5.00 4.30
CA ILE C 27 10.25 6.05 3.37
C ILE C 27 11.31 6.38 2.31
N GLU C 28 12.59 6.16 2.60
CA GLU C 28 13.62 6.43 1.60
C GLU C 28 13.41 5.65 0.31
N TYR C 29 12.62 4.59 0.33
CA TYR C 29 12.47 3.72 -0.84
C TYR C 29 11.05 3.74 -1.42
N ARG C 30 10.00 3.66 -0.62
CA ARG C 30 8.69 4.03 -1.13
C ARG C 30 8.73 5.48 -1.57
N SER C 31 7.65 5.91 -2.21
CA SER C 31 7.50 7.34 -2.43
C SER C 31 6.31 7.79 -1.61
N VAL C 32 6.32 9.07 -1.26
CA VAL C 32 5.44 9.64 -0.26
C VAL C 32 4.55 10.68 -0.91
N HIS C 33 3.29 10.71 -0.49
CA HIS C 33 2.27 11.56 -1.05
C HIS C 33 1.71 12.49 0.02
N TRP C 34 1.17 13.63 -0.42
CA TRP C 34 0.78 14.72 0.46
C TRP C 34 -0.56 15.31 0.05
N TYR C 35 -1.48 15.39 1.01
CA TYR C 35 -2.85 15.83 0.77
C TYR C 35 -3.24 16.98 1.69
N GLN C 36 -3.84 18.03 1.12
CA GLN C 36 -4.48 19.12 1.85
C GLN C 36 -5.99 18.87 1.90
N GLN C 37 -6.58 19.05 3.07
CA GLN C 37 -8.02 18.83 3.21
C GLN C 37 -8.58 20.04 3.93
N LYS C 38 -9.24 20.92 3.20
CA LYS C 38 -9.82 22.09 3.85
C LYS C 38 -11.17 21.71 4.47
N SER C 39 -11.56 22.49 5.47
CA SER C 39 -12.58 22.08 6.44
C SER C 39 -13.88 21.72 5.73
N GLY C 40 -14.32 20.47 5.89
CA GLY C 40 -15.54 20.00 5.26
C GLY C 40 -15.41 19.63 3.79
N GLN C 41 -14.28 19.92 3.17
CA GLN C 41 -14.00 19.57 1.79
C GLN C 41 -13.39 18.16 1.73
N ALA C 42 -13.45 17.56 0.53
CA ALA C 42 -12.68 16.34 0.33
C ALA C 42 -11.22 16.70 0.07
N PRO C 43 -10.31 15.78 0.38
CA PRO C 43 -8.89 16.08 0.25
C PRO C 43 -8.49 16.41 -1.16
N VAL C 44 -7.54 17.31 -1.30
CA VAL C 44 -6.91 17.58 -2.56
C VAL C 44 -5.43 17.26 -2.44
N ALA C 45 -4.88 16.56 -3.43
CA ALA C 45 -3.46 16.26 -3.43
C ALA C 45 -2.66 17.51 -3.73
N VAL C 46 -1.63 17.78 -2.94
CA VAL C 46 -0.79 18.97 -3.13
C VAL C 46 0.54 18.60 -3.77
N ILE C 47 1.14 17.48 -3.36
CA ILE C 47 2.35 16.96 -4.00
C ILE C 47 2.37 15.44 -3.92
N TYR C 48 3.02 14.80 -4.89
CA TYR C 48 3.02 13.35 -5.04
C TYR C 48 4.38 12.87 -5.54
N ASP C 49 4.70 11.63 -5.23
CA ASP C 49 5.99 11.03 -5.59
C ASP C 49 7.19 11.67 -4.96
N ASN C 50 6.96 12.29 -3.80
CA ASN C 50 7.97 12.95 -2.98
C ASN C 50 7.72 14.37 -3.45
N SER C 51 8.31 14.79 -4.57
CA SER C 51 8.40 16.19 -4.97
C SER C 51 7.61 16.88 -6.09
N ASP C 52 6.80 16.11 -6.81
CA ASP C 52 5.91 16.64 -7.85
C ASP C 52 4.60 17.30 -7.46
N ARG C 53 4.21 18.34 -8.21
CA ARG C 53 2.97 19.09 -7.86
C ARG C 53 1.89 18.86 -8.90
N PRO C 54 0.59 18.73 -8.52
CA PRO C 54 -0.49 18.60 -9.49
C PRO C 54 -0.46 19.77 -10.48
N SER C 55 -1.27 19.72 -11.53
CA SER C 55 -1.20 20.75 -12.57
C SER C 55 -1.55 22.12 -11.97
N GLY C 56 -2.38 22.17 -10.94
CA GLY C 56 -2.75 23.48 -10.45
C GLY C 56 -2.34 23.92 -9.07
N ILE C 57 -1.50 23.15 -8.40
CA ILE C 57 -0.96 23.50 -7.10
C ILE C 57 0.21 24.48 -7.14
N PRO C 58 0.15 25.60 -6.43
CA PRO C 58 1.16 26.65 -6.64
C PRO C 58 2.56 26.21 -6.20
N GLU C 59 3.56 26.80 -6.86
CA GLU C 59 4.96 26.51 -6.57
C GLU C 59 5.31 26.69 -5.09
N ARG C 60 4.45 27.38 -4.32
CA ARG C 60 4.73 27.62 -2.91
C ARG C 60 4.86 26.31 -2.16
N PHE C 61 3.81 25.49 -2.22
CA PHE C 61 3.92 24.10 -1.83
C PHE C 61 5.08 23.43 -2.53
N SER C 62 5.88 22.74 -1.75
CA SER C 62 6.92 21.89 -2.30
C SER C 62 6.99 20.67 -1.40
N GLY C 63 7.77 19.71 -1.81
CA GLY C 63 7.98 18.60 -0.93
C GLY C 63 9.31 17.98 -1.22
N SER C 64 9.95 17.47 -0.19
CA SER C 64 11.19 16.78 -0.41
C SER C 64 11.45 15.91 0.79
N LYS C 65 12.42 15.03 0.61
CA LYS C 65 12.66 13.98 1.57
C LYS C 65 14.15 13.82 1.84
N SER C 66 14.46 13.43 3.08
CA SER C 66 15.82 13.01 3.40
C SER C 66 15.83 11.88 4.42
N GLY C 67 16.36 10.72 4.02
CA GLY C 67 16.24 9.57 4.90
C GLY C 67 14.79 9.13 4.91
N ASN C 68 14.38 8.44 5.97
CA ASN C 68 13.04 7.90 6.00
C ASN C 68 12.05 8.90 6.59
N THR C 69 12.33 10.19 6.42
CA THR C 69 11.43 11.23 6.90
C THR C 69 11.25 12.27 5.80
N ALA C 70 10.08 12.26 5.16
CA ALA C 70 9.75 13.16 4.08
C ALA C 70 9.00 14.35 4.62
N THR C 71 8.99 15.45 3.87
CA THR C 71 8.37 16.69 4.43
C THR C 71 7.88 17.61 3.31
N LEU C 72 6.69 18.18 3.47
CA LEU C 72 6.20 19.19 2.47
C LEU C 72 6.35 20.58 3.09
N THR C 73 7.00 21.49 2.37
CA THR C 73 7.22 22.83 2.89
C THR C 73 6.33 23.77 2.11
N ILE C 74 5.48 24.52 2.81
CA ILE C 74 4.62 25.54 2.22
C ILE C 74 5.31 26.89 2.36
N SER C 75 5.99 27.30 1.31
CA SER C 75 6.63 28.61 1.40
C SER C 75 5.58 29.69 1.31
N ARG C 76 5.97 30.90 1.76
CA ARG C 76 5.18 32.14 1.76
C ARG C 76 3.71 31.97 2.15
N VAL C 77 3.49 31.36 3.31
CA VAL C 77 2.15 30.88 3.71
C VAL C 77 1.06 31.93 3.61
N GLU C 78 -0.06 31.56 3.01
CA GLU C 78 -1.24 32.39 3.08
C GLU C 78 -2.11 31.88 4.23
N ALA C 79 -3.29 32.44 4.39
CA ALA C 79 -4.14 31.98 5.47
C ALA C 79 -5.14 30.93 5.02
N GLY C 80 -5.28 30.76 3.71
CA GLY C 80 -6.27 29.89 3.14
C GLY C 80 -5.72 28.49 2.99
N ASP C 81 -4.40 28.39 2.78
CA ASP C 81 -3.75 27.09 2.89
C ASP C 81 -3.42 26.85 4.37
N GLU C 82 -4.49 26.69 5.13
CA GLU C 82 -4.50 26.38 6.56
C GLU C 82 -5.51 25.26 6.40
N ALA C 83 -5.18 24.07 6.90
CA ALA C 83 -6.00 22.92 6.57
C ALA C 83 -5.37 21.74 7.30
N ASP C 84 -6.05 20.60 7.25
CA ASP C 84 -5.42 19.33 7.56
C ASP C 84 -4.56 18.83 6.41
N TYR C 85 -3.35 18.41 6.72
CA TYR C 85 -2.41 17.97 5.72
C TYR C 85 -2.07 16.53 6.07
N TYR C 86 -2.44 15.61 5.19
CA TYR C 86 -2.16 14.20 5.36
C TYR C 86 -1.02 13.78 4.46
N CYS C 87 -0.15 12.94 4.98
CA CYS C 87 0.78 12.24 4.13
C CYS C 87 0.34 10.79 3.99
N GLN C 88 0.95 10.11 3.03
CA GLN C 88 0.41 8.83 2.61
C GLN C 88 1.45 8.10 1.78
N VAL C 89 1.51 6.78 1.98
CA VAL C 89 2.51 5.92 1.34
C VAL C 89 1.91 4.55 1.14
N TRP C 90 2.55 3.78 0.28
CA TRP C 90 2.25 2.37 0.16
C TRP C 90 3.07 1.59 1.20
N ASP C 91 2.51 0.50 1.69
CA ASP C 91 3.31 -0.46 2.43
C ASP C 91 3.05 -1.88 1.93
N ILE C 92 3.78 -2.82 2.52
CA ILE C 92 3.52 -4.26 2.51
C ILE C 92 2.28 -4.55 3.32
N SER C 93 2.08 -3.78 4.39
CA SER C 93 1.03 -4.01 5.37
C SER C 93 -0.34 -3.76 4.74
N SER C 94 -0.42 -2.62 4.05
CA SER C 94 -1.66 -2.22 3.35
C SER C 94 -1.18 -1.62 2.03
N ASP C 95 -2.08 -1.12 1.18
CA ASP C 95 -1.62 -0.66 -0.14
C ASP C 95 -1.41 0.81 0.17
N VAL C 96 -2.36 1.45 0.83
CA VAL C 96 -2.22 2.86 1.15
C VAL C 96 -2.47 3.12 2.64
N VAL C 97 -1.48 3.71 3.31
CA VAL C 97 -1.57 4.13 4.70
C VAL C 97 -1.42 5.64 4.79
N PHE C 98 -2.26 6.27 5.63
CA PHE C 98 -2.25 7.70 5.82
C PHE C 98 -1.66 8.01 7.19
N GLY C 99 -0.72 8.94 7.25
CA GLY C 99 -0.46 9.59 8.52
C GLY C 99 -1.74 10.21 9.03
N GLY C 100 -2.05 9.97 10.31
CA GLY C 100 -3.02 10.84 10.99
C GLY C 100 -2.61 12.28 10.75
N GLY C 101 -3.57 13.11 10.43
CA GLY C 101 -3.25 14.42 9.86
C GLY C 101 -2.35 15.35 10.69
N THR C 102 -1.91 16.41 10.01
CA THR C 102 -1.25 17.55 10.62
C THR C 102 -2.08 18.79 10.39
N LYS C 103 -2.50 19.48 11.47
CA LYS C 103 -3.32 20.68 11.34
C LYS C 103 -2.43 21.92 11.29
N LEU C 104 -2.22 22.47 10.10
CA LEU C 104 -1.53 23.75 9.99
C LEU C 104 -2.45 24.81 10.57
N THR C 105 -1.93 25.62 11.48
CA THR C 105 -2.64 26.75 12.03
C THR C 105 -1.91 28.03 11.65
N VAL C 106 -2.63 28.95 11.00
CA VAL C 106 -2.13 30.28 10.67
C VAL C 106 -2.88 31.25 11.57
N LEU C 107 -2.17 32.27 12.06
CA LEU C 107 -2.54 32.96 13.31
C LEU C 107 -2.39 34.48 13.17
N GLY C 108 -2.79 35.20 14.22
CA GLY C 108 -2.54 36.64 14.32
C GLY C 108 -3.78 37.51 14.21
N PRO C 110 -7.58 38.06 14.37
CA PRO C 110 -6.78 38.39 15.56
C PRO C 110 -7.55 38.20 16.88
N LYS C 111 -6.77 38.02 17.97
CA LYS C 111 -7.26 37.49 19.24
C LYS C 111 -8.56 38.14 19.68
N ALA C 112 -9.61 37.32 19.80
CA ALA C 112 -10.95 37.78 20.13
C ALA C 112 -11.30 37.39 21.57
N ALA C 113 -12.58 37.54 21.91
CA ALA C 113 -13.10 37.22 23.23
C ALA C 113 -14.53 36.73 23.09
N PRO C 114 -14.98 35.85 23.98
CA PRO C 114 -16.33 35.26 23.83
C PRO C 114 -17.39 35.89 24.71
N SER C 115 -18.60 36.07 24.21
CA SER C 115 -19.72 36.45 25.08
C SER C 115 -20.40 35.18 25.58
N VAL C 116 -20.75 35.17 26.86
CA VAL C 116 -21.20 33.97 27.57
C VAL C 116 -22.66 34.15 27.99
N PHE C 117 -23.59 33.51 27.29
CA PHE C 117 -24.95 33.37 27.80
C PHE C 117 -25.19 31.95 28.29
N ILE C 118 -25.95 31.83 29.38
CA ILE C 118 -26.36 30.54 29.94
C ILE C 118 -27.88 30.46 29.89
N PHE C 119 -28.37 29.23 29.72
CA PHE C 119 -29.80 28.98 29.55
C PHE C 119 -30.20 27.81 30.45
N PRO C 120 -31.01 28.05 31.47
CA PRO C 120 -31.46 26.96 32.35
C PRO C 120 -32.34 25.97 31.58
N PRO C 121 -32.75 24.87 32.22
CA PRO C 121 -33.67 23.95 31.54
C PRO C 121 -35.11 24.43 31.64
N SER C 122 -35.82 24.32 30.52
CA SER C 122 -37.20 24.79 30.44
C SER C 122 -38.08 24.11 31.49
N ASP C 123 -39.12 24.82 31.93
CA ASP C 123 -40.17 24.13 32.67
C ASP C 123 -40.79 22.99 31.84
N GLU C 124 -40.65 23.03 30.51
CA GLU C 124 -41.07 21.89 29.70
C GLU C 124 -40.19 20.68 29.93
N GLN C 125 -38.90 20.90 30.17
CA GLN C 125 -37.93 19.82 30.34
C GLN C 125 -37.77 19.36 31.79
N LEU C 126 -37.99 20.26 32.76
CA LEU C 126 -38.12 19.89 34.16
C LEU C 126 -39.45 19.20 34.45
N LYS C 127 -40.31 19.01 33.44
CA LYS C 127 -41.48 18.15 33.52
C LYS C 127 -41.24 16.80 32.86
N SER C 128 -40.14 16.65 32.14
CA SER C 128 -39.77 15.36 31.62
C SER C 128 -39.00 14.53 32.63
N GLY C 129 -38.38 15.18 33.62
CA GLY C 129 -37.47 14.54 34.53
C GLY C 129 -36.00 14.74 34.20
N THR C 130 -35.67 15.06 32.94
CA THR C 130 -34.30 15.36 32.52
C THR C 130 -34.23 16.86 32.24
N ALA C 131 -33.62 17.61 33.14
CA ALA C 131 -33.28 19.00 32.86
C ALA C 131 -32.08 19.06 31.91
N SER C 132 -31.86 20.25 31.31
CA SER C 132 -30.66 20.50 30.51
C SER C 132 -30.27 21.97 30.59
N VAL C 133 -29.03 22.23 30.95
CA VAL C 133 -28.48 23.58 31.05
C VAL C 133 -27.57 23.82 29.85
N VAL C 134 -27.61 25.02 29.30
CA VAL C 134 -26.92 25.35 28.06
C VAL C 134 -26.03 26.57 28.27
N CYS C 135 -24.78 26.49 27.77
CA CYS C 135 -23.83 27.61 27.82
C CYS C 135 -23.36 27.92 26.41
N LEU C 136 -23.80 29.05 25.86
CA LEU C 136 -23.46 29.45 24.50
C LEU C 136 -22.46 30.59 24.53
N LEU C 137 -21.35 30.38 23.82
CA LEU C 137 -20.32 31.39 23.64
C LEU C 137 -20.35 31.86 22.20
N ASN C 138 -19.95 33.12 21.94
CA ASN C 138 -19.87 33.54 20.54
C ASN C 138 -18.75 34.54 20.31
N ASN C 139 -18.16 34.45 19.10
CA ASN C 139 -17.21 35.43 18.56
C ASN C 139 -15.73 35.42 18.96
N PHE C 140 -15.36 34.36 19.69
CA PHE C 140 -14.00 34.10 20.12
C PHE C 140 -13.00 33.52 19.12
N TYR C 141 -11.71 33.80 19.35
CA TYR C 141 -10.64 33.33 18.43
C TYR C 141 -9.27 33.70 19.02
N PRO C 142 -8.51 32.77 19.64
CA PRO C 142 -8.49 31.34 19.28
C PRO C 142 -9.78 30.57 19.63
N ARG C 143 -9.76 29.25 19.45
CA ARG C 143 -11.02 28.47 19.65
C ARG C 143 -11.01 27.72 20.98
N GLU C 144 -9.85 27.23 21.46
CA GLU C 144 -9.90 26.43 22.68
C GLU C 144 -10.47 27.23 23.84
N LYS C 146 -12.18 26.19 27.20
CA LYS C 146 -12.38 25.29 28.33
C LYS C 146 -13.65 25.66 29.12
N VAL C 147 -14.66 24.78 29.13
CA VAL C 147 -15.98 25.07 29.69
C VAL C 147 -16.27 24.11 30.85
N GLN C 148 -16.28 24.64 32.08
CA GLN C 148 -16.61 23.88 33.28
C GLN C 148 -18.03 24.18 33.75
N TRP C 149 -18.55 23.33 34.63
CA TRP C 149 -19.91 23.45 35.17
C TRP C 149 -19.89 23.40 36.69
N LYS C 150 -20.40 24.44 37.35
CA LYS C 150 -20.45 24.55 38.81
C LYS C 150 -21.89 24.38 39.28
N VAL C 151 -22.26 23.16 39.65
CA VAL C 151 -23.58 22.83 40.17
C VAL C 151 -23.49 22.74 41.68
N ASP C 152 -24.06 23.72 42.37
CA ASP C 152 -23.72 24.01 43.76
C ASP C 152 -22.24 24.24 44.06
N ASN C 153 -21.62 25.03 43.19
CA ASN C 153 -20.24 25.50 43.30
C ASN C 153 -19.25 24.36 43.09
N ALA C 154 -19.73 23.17 42.71
CA ALA C 154 -18.91 21.96 42.64
C ALA C 154 -18.66 21.56 41.19
N LEU C 155 -17.39 21.25 40.86
CA LEU C 155 -17.01 20.81 39.52
C LEU C 155 -17.85 19.63 39.04
N GLN C 156 -18.25 19.68 37.77
CA GLN C 156 -19.04 18.64 37.11
C GLN C 156 -18.30 18.24 35.84
N SER C 157 -17.71 17.04 35.84
CA SER C 157 -16.98 16.55 34.67
C SER C 157 -17.51 15.19 34.23
N GLY C 158 -17.19 14.84 32.99
CA GLY C 158 -17.57 13.56 32.42
C GLY C 158 -19.00 13.46 31.96
N ASN C 159 -19.80 14.53 32.02
CA ASN C 159 -21.24 14.44 31.76
C ASN C 159 -21.80 15.37 30.68
N SER C 160 -21.02 16.26 30.08
CA SER C 160 -21.58 17.16 29.08
C SER C 160 -21.08 16.82 27.68
N GLN C 161 -21.82 17.28 26.69
CA GLN C 161 -21.33 17.28 25.32
C GLN C 161 -21.29 18.71 24.79
N GLU C 162 -20.73 18.83 23.59
CA GLU C 162 -20.43 20.13 23.00
C GLU C 162 -20.51 20.08 21.50
N SER C 163 -21.14 21.10 20.91
CA SER C 163 -21.15 21.34 19.48
C SER C 163 -20.66 22.76 19.22
N VAL C 164 -20.23 23.00 17.98
CA VAL C 164 -19.71 24.30 17.55
C VAL C 164 -20.02 24.46 16.06
N THR C 165 -19.96 25.72 15.59
CA THR C 165 -19.85 26.06 14.17
C THR C 165 -18.37 26.36 13.89
N GLU C 166 -18.06 26.67 12.64
CA GLU C 166 -16.67 26.79 12.20
C GLU C 166 -16.33 28.29 12.11
N GLN C 167 -15.29 28.62 11.35
CA GLN C 167 -14.92 29.99 11.03
C GLN C 167 -16.11 30.69 10.38
N ASP C 168 -16.45 31.85 10.92
CA ASP C 168 -17.55 32.63 10.38
C ASP C 168 -17.11 33.26 9.05
N SER C 169 -18.08 33.45 8.15
CA SER C 169 -17.78 33.93 6.79
C SER C 169 -17.01 35.24 6.91
N LYS C 170 -17.44 36.14 7.80
CA LYS C 170 -16.78 37.45 7.96
C LYS C 170 -15.70 37.51 9.03
N ASP C 171 -16.02 37.20 10.29
CA ASP C 171 -15.05 37.40 11.41
C ASP C 171 -13.97 36.32 11.49
N SER C 172 -14.33 35.03 11.48
CA SER C 172 -13.34 33.92 11.66
C SER C 172 -13.30 33.38 13.10
N THR C 173 -14.24 33.80 13.95
CA THR C 173 -14.35 33.37 15.33
C THR C 173 -15.17 32.14 15.65
N SER C 175 -20.50 30.87 19.00
CA SER C 175 -19.87 29.89 18.12
C SER C 175 -20.14 28.46 18.61
N LEU C 176 -20.03 28.21 19.92
CA LEU C 176 -20.09 26.87 20.50
C LEU C 176 -21.26 26.74 21.47
N SER C 177 -21.56 25.49 21.86
CA SER C 177 -22.73 25.18 22.68
C SER C 177 -22.40 24.08 23.68
N SER C 178 -22.38 24.41 24.96
CA SER C 178 -22.15 23.43 26.01
C SER C 178 -23.48 23.02 26.61
N THR C 179 -23.58 21.76 27.04
CA THR C 179 -24.87 21.19 27.42
C THR C 179 -24.73 20.24 28.60
N LEU C 180 -25.38 20.58 29.70
CA LEU C 180 -25.37 19.81 30.94
C LEU C 180 -26.66 18.99 31.05
N THR C 181 -26.56 17.80 31.66
CA THR C 181 -27.69 16.86 31.75
C THR C 181 -27.71 16.48 33.22
N LEU C 182 -28.72 16.97 33.96
CA LEU C 182 -28.94 16.48 35.32
C LEU C 182 -30.23 15.67 35.17
N SER C 183 -30.63 15.04 36.28
CA SER C 183 -31.98 14.50 36.41
C SER C 183 -32.78 15.46 37.26
N LYS C 184 -34.12 15.38 37.14
CA LYS C 184 -34.97 16.38 37.80
C LYS C 184 -34.84 16.34 39.31
N ALA C 185 -34.28 15.28 39.87
CA ALA C 185 -33.94 15.28 41.29
C ALA C 185 -32.58 15.91 41.56
N ASP C 186 -31.66 15.82 40.58
CA ASP C 186 -30.37 16.52 40.69
C ASP C 186 -30.50 18.01 40.44
N TYR C 187 -31.57 18.44 39.76
CA TYR C 187 -31.82 19.87 39.56
C TYR C 187 -32.47 20.48 40.80
N GLU C 188 -33.49 19.82 41.34
CA GLU C 188 -34.20 20.30 42.52
C GLU C 188 -33.32 20.29 43.79
N LYS C 189 -32.19 19.55 43.76
CA LYS C 189 -31.24 19.50 44.86
C LYS C 189 -29.94 20.29 44.85
N HIS C 190 -29.66 21.09 43.82
CA HIS C 190 -28.51 21.98 43.82
C HIS C 190 -28.98 23.38 43.43
N LYS C 191 -28.35 24.40 44.03
CA LYS C 191 -28.80 25.79 43.86
C LYS C 191 -27.89 26.61 42.95
N VAL C 192 -26.58 26.60 43.21
CA VAL C 192 -25.64 27.37 42.40
C VAL C 192 -25.45 26.65 41.07
N TYR C 193 -25.76 27.35 39.98
CA TYR C 193 -25.66 26.79 38.63
C TYR C 193 -24.88 27.75 37.72
N ALA C 194 -23.64 27.41 37.40
CA ALA C 194 -22.72 28.35 36.78
C ALA C 194 -22.13 27.76 35.52
N CYS C 195 -21.38 28.60 34.81
CA CYS C 195 -20.63 28.17 33.63
C CYS C 195 -19.32 28.93 33.60
N GLU C 196 -18.20 28.21 33.75
CA GLU C 196 -16.87 28.78 33.67
C GLU C 196 -16.35 28.69 32.24
N VAL C 197 -15.48 29.63 31.89
CA VAL C 197 -15.02 29.85 30.52
C VAL C 197 -13.59 30.33 30.57
N THR C 198 -12.76 29.87 29.63
CA THR C 198 -11.34 30.20 29.61
C THR C 198 -10.91 30.52 28.18
N HIS C 199 -10.39 31.73 27.96
CA HIS C 199 -9.90 32.10 26.64
C HIS C 199 -8.82 33.17 26.73
N GLN C 200 -8.03 33.26 25.65
CA GLN C 200 -6.92 34.20 25.50
C GLN C 200 -7.16 35.69 25.63
N GLY C 201 -8.29 36.16 25.09
CA GLY C 201 -8.63 37.56 25.16
C GLY C 201 -9.17 37.80 26.56
N LEU C 202 -9.73 36.76 27.18
CA LEU C 202 -10.22 36.88 28.55
C LEU C 202 -9.07 37.19 29.51
N SER C 203 -9.21 38.29 30.26
CA SER C 203 -8.19 38.61 31.28
C SER C 203 -8.56 37.89 32.58
N SER C 204 -9.81 37.41 32.68
CA SER C 204 -10.28 36.68 33.89
C SER C 204 -11.26 35.58 33.47
N PRO C 205 -11.27 34.41 34.15
CA PRO C 205 -12.15 33.30 33.77
C PRO C 205 -13.63 33.64 33.95
N VAL C 206 -14.38 33.76 32.85
CA VAL C 206 -15.80 34.22 32.90
C VAL C 206 -16.74 33.16 33.49
N THR C 207 -17.79 33.60 34.20
CA THR C 207 -18.81 32.73 34.74
C THR C 207 -20.09 33.52 34.98
N LYS C 208 -21.17 33.07 34.34
CA LYS C 208 -22.51 33.54 34.64
C LYS C 208 -23.27 32.45 35.38
N SER C 209 -23.82 32.82 36.53
CA SER C 209 -24.46 31.90 37.46
C SER C 209 -25.95 32.21 37.57
N PHE C 210 -26.71 31.19 37.96
CA PHE C 210 -28.14 31.34 38.18
C PHE C 210 -28.60 30.37 39.25
N ASN C 211 -29.56 30.79 40.04
CA ASN C 211 -30.13 29.92 41.03
C ASN C 211 -31.43 29.38 40.46
N ARG C 212 -32.11 28.56 41.25
CA ARG C 212 -33.27 27.85 40.72
C ARG C 212 -34.41 28.81 40.40
N GLY C 213 -34.55 29.88 41.17
CA GLY C 213 -35.54 30.91 40.87
C GLY C 213 -34.93 32.10 40.19
#